data_8ZAE
#
_entry.id   8ZAE
#
_cell.length_a   51.765
_cell.length_b   89.475
_cell.length_c   142.712
_cell.angle_alpha   90.00
_cell.angle_beta   90.00
_cell.angle_gamma   90.00
#
_symmetry.space_group_name_H-M   'P 21 21 21'
#
loop_
_entity.id
_entity.type
_entity.pdbx_description
1 polymer 'Aba 3 protein'
2 non-polymer 'S-[(2E,6E)-3,7,11-TRIMETHYLDODECA-2,6,10-TRIENYL] TRIHYDROGEN THIODIPHOSPHATE'
3 non-polymer 'ZINC ION'
4 non-polymer 'MAGNESIUM ION'
5 water water
#
_entity_poly.entity_id   1
_entity_poly.type   'polypeptide(L)'
_entity_poly.pdbx_seq_one_letter_code
;HHHHHHHHHHENLYFQGAGAGAGAGAGAMTWYYPPDIASDLQSVNLPAELKGEIFACAWEYTRCVIPNYTNWNRYVAFMR
TIIIGVIAEFRGEMVDVTASTSILGYDLDGVLAALFEGTPGHKEMAREYKTFLLITADKASERRDGELFRRYVNALAQSP
RHWFRMRDCDALARFTIASALACNDLDDIWYTEEQFEILTEIGDTLYDAVAFYKHRAEGETNSTFAYMPEDLRIKAYSEC
REILWALDAAWARNPKLVNVINFLRFFGGPIHMMMRRYRFVEENLTIGKSETDKVVDQTRKNFKLWNRVDANKRSIRNTQ
RYKALIGRSEELMFPGLAEFLEVGGDGVCDKCRYRESYGAEVSHQFGGVELCSECKLSWRQYLECFVERAADVFPELKTY
FEVQV
;
_entity_poly.pdbx_strand_id   A,B
#
# COMPACT_ATOMS: atom_id res chain seq x y z
N MET A 29 1.57 -21.34 7.13
CA MET A 29 1.24 -19.93 7.54
C MET A 29 1.15 -19.82 9.08
N THR A 30 2.08 -19.06 9.67
CA THR A 30 2.07 -18.64 11.09
C THR A 30 1.41 -17.26 11.18
N TRP A 31 0.57 -17.07 12.21
CA TRP A 31 -0.16 -15.81 12.48
C TRP A 31 0.68 -14.91 13.40
N TYR A 32 1.09 -13.74 12.92
CA TYR A 32 1.95 -12.79 13.65
C TYR A 32 1.16 -11.52 13.95
N TYR A 33 1.28 -11.02 15.19
CA TYR A 33 0.52 -9.87 15.77
C TYR A 33 1.09 -9.53 17.14
N PRO A 34 0.98 -8.28 17.62
CA PRO A 34 1.58 -7.91 18.90
C PRO A 34 0.95 -8.78 19.97
N PRO A 35 1.71 -9.24 20.98
CA PRO A 35 1.13 -9.94 22.12
C PRO A 35 0.08 -9.18 22.96
N ASP A 36 -0.09 -7.87 22.79
CA ASP A 36 -1.12 -7.11 23.56
C ASP A 36 -2.50 -7.76 23.37
N ILE A 37 -2.78 -8.30 22.19
CA ILE A 37 -4.12 -8.85 21.84
C ILE A 37 -4.09 -10.38 21.84
N ALA A 38 -2.99 -10.99 22.29
CA ALA A 38 -2.75 -12.43 22.15
C ALA A 38 -3.60 -13.22 23.14
N SER A 39 -4.06 -12.60 24.24
CA SER A 39 -4.99 -13.25 25.20
C SER A 39 -6.35 -12.53 25.23
N ASP A 40 -6.69 -11.81 24.16
CA ASP A 40 -8.08 -11.33 23.91
C ASP A 40 -9.00 -12.53 23.69
N LEU A 41 -10.31 -12.34 23.88
CA LEU A 41 -11.37 -13.35 23.55
C LEU A 41 -11.32 -14.55 24.50
N GLN A 42 -10.96 -14.36 25.76
CA GLN A 42 -10.89 -15.46 26.78
C GLN A 42 -12.29 -15.97 27.10
N SER A 43 -13.28 -15.09 27.07
CA SER A 43 -14.68 -15.43 27.42
C SER A 43 -15.41 -16.14 26.25
N VAL A 44 -14.71 -16.33 25.11
CA VAL A 44 -15.31 -16.59 23.77
C VAL A 44 -14.93 -18.00 23.29
N ASN A 45 -15.91 -18.83 23.02
CA ASN A 45 -15.59 -20.21 22.59
C ASN A 45 -15.38 -20.20 21.07
N LEU A 46 -14.11 -20.04 20.66
CA LEU A 46 -13.63 -20.32 19.30
C LEU A 46 -12.31 -21.08 19.39
N PRO A 47 -12.00 -21.99 18.43
CA PRO A 47 -10.68 -22.61 18.35
C PRO A 47 -9.55 -21.58 18.50
N ALA A 48 -8.52 -21.90 19.28
CA ALA A 48 -7.28 -21.09 19.39
C ALA A 48 -6.73 -20.75 17.98
N GLU A 49 -6.67 -21.74 17.08
CA GLU A 49 -6.24 -21.58 15.66
C GLU A 49 -6.98 -20.37 15.06
N LEU A 50 -8.29 -20.31 15.22
CA LEU A 50 -9.15 -19.24 14.62
C LEU A 50 -8.90 -17.90 15.32
N LYS A 51 -8.81 -17.86 16.65
CA LYS A 51 -8.44 -16.63 17.39
C LYS A 51 -7.16 -16.06 16.77
N GLY A 52 -6.21 -16.95 16.46
CA GLY A 52 -4.92 -16.60 15.84
C GLY A 52 -5.09 -15.82 14.55
N GLU A 53 -5.91 -16.35 13.64
CA GLU A 53 -6.17 -15.77 12.29
C GLU A 53 -6.90 -14.43 12.46
N ILE A 54 -7.84 -14.35 13.40
CA ILE A 54 -8.57 -13.10 13.68
C ILE A 54 -7.55 -12.04 14.17
N PHE A 55 -6.75 -12.35 15.19
CA PHE A 55 -5.80 -11.38 15.80
C PHE A 55 -4.85 -10.88 14.70
N ALA A 56 -4.39 -11.81 13.84
CA ALA A 56 -3.48 -11.51 12.74
C ALA A 56 -4.17 -10.56 11.74
N CYS A 57 -5.41 -10.87 11.33
CA CYS A 57 -6.19 -10.00 10.42
C CYS A 57 -6.25 -8.56 10.98
N ALA A 58 -6.51 -8.38 12.29
CA ALA A 58 -6.68 -7.03 12.88
C ALA A 58 -5.34 -6.31 12.84
N TRP A 59 -4.26 -7.03 13.14
CA TRP A 59 -2.89 -6.46 13.07
C TRP A 59 -2.60 -6.08 11.61
N GLU A 60 -2.76 -7.05 10.69
CA GLU A 60 -2.41 -6.84 9.27
C GLU A 60 -3.16 -5.62 8.71
N TYR A 61 -4.47 -5.53 8.97
CA TYR A 61 -5.33 -4.46 8.41
C TYR A 61 -4.93 -3.12 9.05
N THR A 62 -4.74 -3.10 10.35
CA THR A 62 -4.31 -1.86 11.05
C THR A 62 -3.00 -1.32 10.43
N ARG A 63 -1.98 -2.16 10.30
CA ARG A 63 -0.63 -1.75 9.80
C ARG A 63 -0.69 -1.35 8.33
N CYS A 64 -1.57 -1.98 7.54
CA CYS A 64 -1.73 -1.64 6.09
C CYS A 64 -2.32 -0.22 5.90
N VAL A 65 -3.40 0.13 6.57
CA VAL A 65 -4.17 1.36 6.23
C VAL A 65 -3.98 2.44 7.29
N ILE A 66 -3.31 2.15 8.41
CA ILE A 66 -2.80 3.22 9.35
C ILE A 66 -1.33 2.92 9.56
N PRO A 67 -0.51 3.02 8.49
CA PRO A 67 0.90 2.62 8.53
C PRO A 67 1.79 3.49 9.43
N ASN A 68 1.27 4.62 9.91
CA ASN A 68 1.97 5.51 10.88
C ASN A 68 1.12 5.54 12.16
N TYR A 69 1.77 5.66 13.32
CA TYR A 69 1.08 5.93 14.62
C TYR A 69 2.04 6.59 15.60
N THR A 70 1.49 7.33 16.58
CA THR A 70 2.20 7.91 17.75
C THR A 70 1.64 7.34 19.08
N ASN A 71 0.47 6.71 19.03
CA ASN A 71 -0.33 6.36 20.23
C ASN A 71 -0.65 4.86 20.21
N TRP A 72 0.16 4.07 20.92
CA TRP A 72 0.03 2.60 20.97
C TRP A 72 -1.33 2.21 21.58
N ASN A 73 -1.80 2.93 22.59
CA ASN A 73 -3.07 2.55 23.27
C ASN A 73 -4.26 2.63 22.32
N ARG A 74 -4.32 3.68 21.49
CA ARG A 74 -5.36 3.92 20.47
C ARG A 74 -5.22 2.89 19.35
N TYR A 75 -3.98 2.59 18.92
CA TYR A 75 -3.67 1.59 17.86
C TYR A 75 -4.31 0.27 18.27
N VAL A 76 -4.02 -0.18 19.49
CA VAL A 76 -4.52 -1.48 20.00
C VAL A 76 -6.04 -1.40 20.13
N ALA A 77 -6.60 -0.30 20.66
CA ALA A 77 -8.07 -0.12 20.73
C ALA A 77 -8.65 -0.29 19.32
N PHE A 78 -8.07 0.36 18.31
CA PHE A 78 -8.52 0.23 16.90
C PHE A 78 -8.43 -1.25 16.51
N MET A 79 -7.29 -1.88 16.80
CA MET A 79 -7.14 -3.33 16.48
C MET A 79 -8.34 -4.10 17.06
N ARG A 80 -8.78 -3.74 18.27
CA ARG A 80 -9.87 -4.44 18.97
C ARG A 80 -11.21 -4.18 18.26
N THR A 81 -11.41 -3.02 17.66
CA THR A 81 -12.66 -2.79 16.87
C THR A 81 -12.63 -3.65 15.60
N ILE A 82 -11.44 -3.99 15.09
CA ILE A 82 -11.33 -4.90 13.93
C ILE A 82 -11.54 -6.33 14.38
N ILE A 83 -11.05 -6.71 15.56
CA ILE A 83 -11.23 -8.10 16.07
C ILE A 83 -12.73 -8.39 16.15
N ILE A 84 -13.50 -7.51 16.78
CA ILE A 84 -14.95 -7.71 16.99
C ILE A 84 -15.63 -7.79 15.62
N GLY A 85 -15.25 -6.88 14.71
CA GLY A 85 -15.82 -6.77 13.34
C GLY A 85 -15.56 -7.98 12.48
N VAL A 86 -14.35 -8.50 12.47
CA VAL A 86 -13.99 -9.76 11.76
C VAL A 86 -14.92 -10.89 12.23
N ILE A 87 -15.17 -10.98 13.54
CA ILE A 87 -16.00 -12.06 14.16
C ILE A 87 -17.45 -11.82 13.74
N ALA A 88 -17.90 -10.56 13.78
CA ALA A 88 -19.27 -10.20 13.40
C ALA A 88 -19.50 -10.57 11.94
N GLU A 89 -18.52 -10.36 11.05
CA GLU A 89 -18.60 -10.62 9.58
C GLU A 89 -18.90 -12.10 9.27
N PHE A 90 -18.53 -13.04 10.14
CA PHE A 90 -18.65 -14.47 9.80
C PHE A 90 -19.43 -15.25 10.87
N ARG A 91 -19.75 -14.67 12.03
CA ARG A 91 -20.63 -15.31 13.06
C ARG A 91 -21.38 -14.23 13.84
N GLY A 92 -22.41 -13.66 13.21
CA GLY A 92 -23.32 -12.63 13.74
C GLY A 92 -23.96 -12.99 15.07
N GLU A 93 -24.24 -14.27 15.30
CA GLU A 93 -24.95 -14.73 16.52
C GLU A 93 -24.06 -14.48 17.75
N MET A 94 -22.74 -14.38 17.57
CA MET A 94 -21.75 -14.20 18.67
C MET A 94 -21.62 -12.73 19.09
N VAL A 95 -22.10 -11.79 18.27
CA VAL A 95 -21.99 -10.33 18.53
C VAL A 95 -23.39 -9.74 18.52
N ASP A 96 -23.82 -9.15 19.64
CA ASP A 96 -25.12 -8.44 19.73
C ASP A 96 -24.90 -7.07 20.39
N VAL A 97 -24.71 -6.02 19.59
CA VAL A 97 -24.47 -4.63 20.11
C VAL A 97 -25.71 -4.11 20.85
N THR A 98 -26.87 -4.75 20.69
CA THR A 98 -28.18 -4.30 21.25
C THR A 98 -28.28 -4.69 22.73
N ALA A 99 -27.70 -5.84 23.11
CA ALA A 99 -27.70 -6.41 24.48
C ALA A 99 -26.99 -5.47 25.45
N SER A 100 -26.10 -4.60 24.96
CA SER A 100 -25.32 -3.63 25.78
C SER A 100 -24.69 -4.36 26.97
N THR A 101 -23.86 -5.35 26.64
CA THR A 101 -23.10 -6.21 27.60
C THR A 101 -21.60 -6.05 27.33
N SER A 102 -20.78 -6.95 27.85
CA SER A 102 -19.49 -7.23 27.21
C SER A 102 -19.80 -7.70 25.77
N ILE A 103 -19.10 -7.17 24.77
CA ILE A 103 -19.09 -7.75 23.40
C ILE A 103 -17.77 -8.49 23.28
N LEU A 104 -17.83 -9.82 23.24
CA LEU A 104 -16.69 -10.74 23.03
C LEU A 104 -15.65 -10.47 24.13
N GLY A 105 -16.12 -10.14 25.33
CA GLY A 105 -15.30 -9.95 26.54
C GLY A 105 -14.80 -8.55 26.64
N TYR A 106 -15.04 -7.74 25.62
CA TYR A 106 -14.58 -6.33 25.58
C TYR A 106 -15.73 -5.49 26.10
N ASP A 107 -15.38 -4.43 26.81
CA ASP A 107 -16.30 -3.33 27.14
C ASP A 107 -16.24 -2.38 25.94
N LEU A 108 -17.24 -2.39 25.05
CA LEU A 108 -17.12 -1.65 23.76
C LEU A 108 -17.03 -0.14 24.00
N ASP A 109 -17.87 0.45 24.85
CA ASP A 109 -17.84 1.92 25.05
C ASP A 109 -16.44 2.36 25.48
N GLY A 110 -15.79 1.60 26.36
CA GLY A 110 -14.46 1.94 26.91
C GLY A 110 -13.34 1.80 25.88
N VAL A 111 -13.40 0.77 25.03
CA VAL A 111 -12.51 0.60 23.85
C VAL A 111 -12.71 1.80 22.92
N LEU A 112 -13.95 2.20 22.65
CA LEU A 112 -14.23 3.37 21.79
C LEU A 112 -13.68 4.66 22.43
N ALA A 113 -13.68 4.77 23.75
CA ALA A 113 -13.18 5.95 24.50
C ALA A 113 -11.64 5.95 24.46
N ALA A 114 -11.00 4.79 24.64
CA ALA A 114 -9.53 4.71 24.52
C ALA A 114 -9.11 5.27 23.17
N LEU A 115 -9.90 4.94 22.13
CA LEU A 115 -9.57 5.28 20.71
C LEU A 115 -9.80 6.77 20.46
N PHE A 116 -10.95 7.31 20.84
CA PHE A 116 -11.46 8.62 20.36
C PHE A 116 -11.68 9.68 21.48
N GLU A 117 -11.57 9.31 22.75
CA GLU A 117 -11.78 10.27 23.86
C GLU A 117 -10.92 11.50 23.57
N GLY A 118 -11.56 12.65 23.38
CA GLY A 118 -10.87 13.93 23.14
C GLY A 118 -10.58 14.19 21.66
N THR A 119 -11.17 13.42 20.74
CA THR A 119 -11.16 13.71 19.28
C THR A 119 -12.49 14.34 18.94
N PRO A 120 -12.65 14.99 17.76
CA PRO A 120 -13.85 15.77 17.47
C PRO A 120 -15.09 14.89 17.30
N GLY A 121 -14.89 13.67 16.80
CA GLY A 121 -15.99 12.80 16.33
C GLY A 121 -16.25 11.60 17.22
N HIS A 122 -15.84 11.65 18.48
CA HIS A 122 -16.03 10.53 19.45
C HIS A 122 -17.45 9.97 19.38
N LYS A 123 -18.47 10.78 19.73
CA LYS A 123 -19.87 10.31 19.84
C LYS A 123 -20.36 9.76 18.48
N GLU A 124 -20.13 10.48 17.39
CA GLU A 124 -20.59 10.14 16.00
C GLU A 124 -19.90 8.84 15.52
N MET A 125 -18.62 8.66 15.87
CA MET A 125 -17.86 7.45 15.45
C MET A 125 -18.28 6.25 16.31
N ALA A 126 -18.70 6.46 17.55
CA ALA A 126 -19.26 5.37 18.39
C ALA A 126 -20.56 4.88 17.76
N ARG A 127 -21.37 5.82 17.24
CA ARG A 127 -22.60 5.50 16.45
C ARG A 127 -22.27 4.72 15.15
N GLU A 128 -21.31 5.21 14.38
CA GLU A 128 -20.80 4.58 13.13
C GLU A 128 -20.46 3.12 13.43
N TYR A 129 -19.73 2.85 14.51
CA TYR A 129 -19.22 1.49 14.77
C TYR A 129 -20.39 0.61 15.19
N LYS A 130 -21.28 1.14 16.03
CA LYS A 130 -22.43 0.31 16.53
C LYS A 130 -23.33 -0.08 15.36
N THR A 131 -23.48 0.81 14.38
CA THR A 131 -24.26 0.57 13.14
C THR A 131 -23.63 -0.57 12.36
N PHE A 132 -22.31 -0.55 12.27
CA PHE A 132 -21.50 -1.58 11.56
C PHE A 132 -21.73 -2.93 12.23
N LEU A 133 -21.63 -3.00 13.56
CA LEU A 133 -21.92 -4.26 14.34
C LEU A 133 -23.37 -4.73 14.11
N LEU A 134 -24.33 -3.83 14.30
CA LEU A 134 -25.78 -4.12 14.14
C LEU A 134 -26.02 -4.75 12.77
N ILE A 135 -25.57 -4.10 11.70
CA ILE A 135 -25.91 -4.55 10.31
C ILE A 135 -25.11 -5.81 9.95
N THR A 136 -23.80 -5.82 10.21
CA THR A 136 -22.85 -6.90 9.82
C THR A 136 -23.22 -8.19 10.57
N ALA A 137 -23.52 -8.08 11.85
CA ALA A 137 -23.97 -9.22 12.69
C ALA A 137 -25.31 -9.76 12.15
N ASP A 138 -26.28 -8.90 11.87
CA ASP A 138 -27.57 -9.32 11.25
C ASP A 138 -27.28 -10.07 9.94
N LYS A 139 -26.44 -9.50 9.07
CA LYS A 139 -26.17 -10.06 7.73
C LYS A 139 -25.53 -11.44 7.88
N ALA A 140 -24.77 -11.69 8.94
CA ALA A 140 -23.97 -12.93 9.13
C ALA A 140 -24.65 -13.81 10.17
N SER A 141 -25.97 -13.77 10.25
CA SER A 141 -26.80 -14.58 11.18
C SER A 141 -28.11 -15.01 10.49
N GLU A 142 -29.01 -15.65 11.24
CA GLU A 142 -30.41 -15.86 10.80
C GLU A 142 -31.01 -14.49 10.48
N ARG A 143 -30.71 -13.47 11.31
CA ARG A 143 -31.44 -12.17 11.36
C ARG A 143 -31.36 -11.43 10.02
N ARG A 144 -30.48 -11.89 9.12
CA ARG A 144 -30.45 -11.57 7.66
C ARG A 144 -31.86 -11.53 7.06
N ASP A 145 -32.76 -12.41 7.51
CA ASP A 145 -34.10 -12.61 6.91
C ASP A 145 -35.12 -11.67 7.59
N GLY A 146 -34.67 -10.73 8.44
CA GLY A 146 -35.54 -9.89 9.28
C GLY A 146 -35.85 -8.54 8.64
N GLU A 147 -36.45 -7.62 9.41
CA GLU A 147 -36.96 -6.34 8.89
C GLU A 147 -35.82 -5.33 8.75
N LEU A 148 -35.03 -5.16 9.81
CA LEU A 148 -33.84 -4.26 9.80
C LEU A 148 -33.01 -4.57 8.54
N PHE A 149 -32.61 -5.82 8.30
CA PHE A 149 -31.74 -6.08 7.13
C PHE A 149 -32.47 -5.80 5.82
N ARG A 150 -33.77 -6.10 5.71
CA ARG A 150 -34.58 -5.85 4.48
C ARG A 150 -34.64 -4.34 4.26
N ARG A 151 -34.99 -3.58 5.30
CA ARG A 151 -35.07 -2.11 5.19
C ARG A 151 -33.70 -1.55 4.74
N TYR A 152 -32.59 -2.07 5.30
CA TYR A 152 -31.21 -1.59 5.06
C TYR A 152 -30.86 -1.87 3.59
N VAL A 153 -31.06 -3.10 3.12
CA VAL A 153 -30.65 -3.50 1.74
C VAL A 153 -31.42 -2.62 0.75
N ASN A 154 -32.72 -2.39 0.99
CA ASN A 154 -33.60 -1.54 0.14
C ASN A 154 -33.09 -0.08 0.18
N ALA A 155 -32.70 0.40 1.36
CA ALA A 155 -32.25 1.78 1.59
C ALA A 155 -30.95 2.03 0.84
N LEU A 156 -30.10 1.01 0.67
CA LEU A 156 -28.85 1.10 -0.14
C LEU A 156 -29.15 1.65 -1.53
N ALA A 157 -30.27 1.27 -2.15
CA ALA A 157 -30.61 1.54 -3.59
C ALA A 157 -31.43 2.85 -3.78
N GLN A 158 -31.82 3.47 -2.68
CA GLN A 158 -32.55 4.76 -2.63
C GLN A 158 -31.97 5.73 -3.64
N SER A 159 -30.64 5.77 -3.72
CA SER A 159 -29.86 6.85 -4.38
C SER A 159 -28.37 6.52 -4.31
N PRO A 160 -27.56 6.99 -5.29
CA PRO A 160 -26.11 6.74 -5.29
C PRO A 160 -25.37 7.40 -4.13
N ARG A 161 -25.78 8.61 -3.77
CA ARG A 161 -25.26 9.29 -2.55
C ARG A 161 -25.58 8.49 -1.28
N HIS A 162 -26.81 7.97 -1.12
CA HIS A 162 -27.19 7.07 0.00
C HIS A 162 -26.30 5.82 0.03
N TRP A 163 -26.10 5.18 -1.13
CA TRP A 163 -25.24 3.98 -1.31
C TRP A 163 -23.85 4.18 -0.66
N PHE A 164 -23.17 5.25 -1.05
CA PHE A 164 -21.78 5.54 -0.64
C PHE A 164 -21.75 5.86 0.86
N ARG A 165 -22.82 6.40 1.44
CA ARG A 165 -22.83 6.81 2.87
C ARG A 165 -22.98 5.55 3.74
N MET A 166 -23.88 4.67 3.33
CA MET A 166 -24.09 3.40 4.05
C MET A 166 -22.86 2.51 3.80
N ARG A 167 -22.30 2.50 2.58
CA ARG A 167 -21.15 1.63 2.23
C ARG A 167 -19.95 2.10 3.04
N ASP A 168 -19.79 3.42 3.15
CA ASP A 168 -18.82 4.08 4.08
C ASP A 168 -18.85 3.38 5.45
N CYS A 169 -20.02 3.38 6.10
CA CYS A 169 -20.22 2.81 7.46
C CYS A 169 -20.03 1.29 7.48
N ASP A 170 -20.44 0.58 6.44
CA ASP A 170 -20.23 -0.90 6.27
C ASP A 170 -18.74 -1.28 6.18
N ALA A 171 -17.89 -0.38 5.68
CA ALA A 171 -16.45 -0.58 5.46
C ALA A 171 -15.64 0.11 6.57
N LEU A 172 -16.34 0.80 7.47
CA LEU A 172 -15.75 1.65 8.55
C LEU A 172 -14.75 2.66 7.99
N ALA A 173 -15.06 3.26 6.84
CA ALA A 173 -14.15 4.14 6.09
C ALA A 173 -13.95 5.47 6.84
N ARG A 174 -14.98 6.26 7.12
CA ARG A 174 -14.75 7.52 7.88
C ARG A 174 -14.37 7.16 9.33
N PHE A 175 -14.90 6.05 9.88
CA PHE A 175 -14.42 5.53 11.19
C PHE A 175 -12.89 5.37 11.19
N THR A 176 -12.32 4.85 10.10
CA THR A 176 -10.86 4.56 10.01
C THR A 176 -10.09 5.83 9.65
N ILE A 177 -10.69 6.78 8.96
CA ILE A 177 -10.03 8.09 8.81
C ILE A 177 -9.95 8.77 10.18
N ALA A 178 -11.06 8.73 10.94
CA ALA A 178 -11.08 9.29 12.29
C ALA A 178 -10.05 8.55 13.14
N SER A 179 -9.88 7.24 12.94
CA SER A 179 -9.00 6.38 13.78
C SER A 179 -7.53 6.69 13.45
N ALA A 180 -7.24 6.96 12.18
CA ALA A 180 -5.88 7.24 11.68
C ALA A 180 -5.37 8.57 12.22
N LEU A 181 -6.25 9.58 12.30
CA LEU A 181 -5.93 10.88 12.94
C LEU A 181 -5.74 10.66 14.46
N ALA A 182 -6.70 10.02 15.13
CA ALA A 182 -6.60 9.66 16.56
C ALA A 182 -5.27 8.94 16.87
N CYS A 183 -4.92 7.91 16.10
CA CYS A 183 -3.75 7.06 16.42
C CYS A 183 -2.45 7.83 16.19
N ASN A 184 -2.51 9.03 15.59
CA ASN A 184 -1.36 9.94 15.37
C ASN A 184 -1.57 11.21 16.20
N ASP A 185 -2.40 11.11 17.25
CA ASP A 185 -2.68 12.22 18.19
C ASP A 185 -3.01 13.49 17.43
N LEU A 186 -3.81 13.41 16.35
CA LEU A 186 -4.30 14.57 15.56
C LEU A 186 -5.74 14.84 15.96
N ASP A 187 -5.96 15.20 17.24
CA ASP A 187 -7.29 15.32 17.87
C ASP A 187 -7.97 16.63 17.45
N ASP A 188 -7.35 17.44 16.61
CA ASP A 188 -7.81 18.79 16.19
C ASP A 188 -8.16 18.78 14.70
N ILE A 189 -7.94 17.69 13.97
CA ILE A 189 -8.28 17.57 12.53
C ILE A 189 -9.68 16.94 12.38
N TRP A 190 -10.52 17.56 11.53
CA TRP A 190 -11.85 17.02 11.17
C TRP A 190 -12.32 17.48 9.79
N TYR A 191 -13.41 16.89 9.32
CA TYR A 191 -13.97 17.17 7.98
C TYR A 191 -15.47 17.49 8.09
N THR A 192 -15.95 18.25 7.12
CA THR A 192 -17.40 18.45 6.93
C THR A 192 -17.97 17.09 6.55
N GLU A 193 -19.28 16.96 6.62
CA GLU A 193 -20.04 15.78 6.14
C GLU A 193 -19.67 15.53 4.66
N GLU A 194 -19.83 16.53 3.78
CA GLU A 194 -19.61 16.38 2.33
C GLU A 194 -18.16 15.98 2.07
N GLN A 195 -17.22 16.45 2.89
CA GLN A 195 -15.79 16.06 2.73
C GLN A 195 -15.59 14.59 3.08
N PHE A 196 -16.17 14.11 4.18
CA PHE A 196 -16.18 12.66 4.47
C PHE A 196 -16.83 11.87 3.32
N GLU A 197 -17.87 12.42 2.72
CA GLU A 197 -18.63 11.68 1.68
C GLU A 197 -17.73 11.51 0.45
N ILE A 198 -16.95 12.54 0.13
CA ILE A 198 -16.06 12.47 -1.06
C ILE A 198 -14.90 11.52 -0.78
N LEU A 199 -14.25 11.66 0.38
CA LEU A 199 -13.06 10.85 0.76
C LEU A 199 -13.45 9.38 0.74
N THR A 200 -14.53 9.01 1.42
CA THR A 200 -15.01 7.60 1.53
C THR A 200 -15.46 7.12 0.15
N GLU A 201 -16.11 7.96 -0.66
CA GLU A 201 -16.48 7.55 -2.04
C GLU A 201 -15.20 7.13 -2.76
N ILE A 202 -14.13 7.95 -2.68
CA ILE A 202 -12.84 7.59 -3.33
C ILE A 202 -12.39 6.23 -2.80
N GLY A 203 -12.23 6.11 -1.50
CA GLY A 203 -11.78 4.85 -0.86
C GLY A 203 -12.62 3.66 -1.29
N ASP A 204 -13.93 3.76 -1.08
CA ASP A 204 -14.87 2.61 -1.29
C ASP A 204 -14.94 2.25 -2.77
N THR A 205 -14.79 3.20 -3.69
CA THR A 205 -14.91 2.95 -5.15
C THR A 205 -13.69 2.14 -5.55
N LEU A 206 -12.52 2.61 -5.09
CA LEU A 206 -11.22 1.98 -5.34
C LEU A 206 -11.27 0.54 -4.81
N TYR A 207 -11.66 0.33 -3.55
CA TYR A 207 -11.67 -1.06 -2.99
C TYR A 207 -12.68 -1.90 -3.77
N ASP A 208 -13.89 -1.37 -3.97
CA ASP A 208 -15.07 -2.15 -4.45
C ASP A 208 -14.78 -2.56 -5.90
N ALA A 209 -14.04 -1.74 -6.65
CA ALA A 209 -13.63 -2.02 -8.04
C ALA A 209 -12.70 -3.23 -8.09
N VAL A 210 -11.76 -3.32 -7.15
CA VAL A 210 -10.74 -4.42 -7.12
C VAL A 210 -11.39 -5.66 -6.51
N ALA A 211 -12.28 -5.47 -5.55
CA ALA A 211 -12.94 -6.56 -4.78
C ALA A 211 -14.25 -7.05 -5.48
N PHE A 212 -14.55 -6.55 -6.68
CA PHE A 212 -15.74 -6.90 -7.48
C PHE A 212 -16.01 -8.41 -7.47
N TYR A 213 -15.12 -9.15 -8.14
CA TYR A 213 -15.25 -10.61 -8.42
C TYR A 213 -15.46 -11.37 -7.10
N LYS A 214 -14.58 -11.13 -6.13
CA LYS A 214 -14.68 -11.68 -4.75
C LYS A 214 -16.08 -11.40 -4.19
N HIS A 215 -16.59 -10.18 -4.37
CA HIS A 215 -17.89 -9.75 -3.79
C HIS A 215 -19.03 -10.50 -4.48
N ARG A 216 -18.92 -10.67 -5.79
CA ARG A 216 -19.93 -11.39 -6.58
C ARG A 216 -19.96 -12.85 -6.12
N ALA A 217 -18.81 -13.51 -6.12
CA ALA A 217 -18.68 -14.92 -5.67
C ALA A 217 -19.42 -15.08 -4.33
N GLU A 218 -19.25 -14.14 -3.39
CA GLU A 218 -19.89 -14.15 -2.04
C GLU A 218 -21.41 -13.87 -2.12
N GLY A 219 -21.95 -13.36 -3.22
CA GLY A 219 -23.32 -12.84 -3.27
C GLY A 219 -23.53 -11.63 -2.38
N GLU A 220 -22.56 -10.70 -2.30
CA GLU A 220 -22.66 -9.53 -1.39
C GLU A 220 -23.87 -8.64 -1.73
N THR A 221 -24.47 -8.04 -0.69
CA THR A 221 -25.41 -6.90 -0.82
C THR A 221 -24.62 -5.59 -0.96
N ASN A 222 -23.36 -5.55 -0.48
CA ASN A 222 -22.58 -4.30 -0.29
C ASN A 222 -21.33 -4.30 -1.17
N SER A 223 -21.47 -3.84 -2.43
CA SER A 223 -20.39 -3.76 -3.45
C SER A 223 -20.77 -2.71 -4.51
N THR A 224 -19.99 -1.63 -4.67
CA THR A 224 -20.35 -0.45 -5.50
C THR A 224 -20.94 -0.91 -6.85
N PHE A 225 -20.33 -1.87 -7.53
CA PHE A 225 -20.64 -2.22 -8.94
C PHE A 225 -21.60 -3.41 -9.01
N ALA A 226 -22.35 -3.67 -7.96
CA ALA A 226 -23.66 -4.39 -8.03
C ALA A 226 -24.72 -3.36 -8.47
N TYR A 227 -24.43 -2.09 -8.21
CA TYR A 227 -25.36 -0.95 -8.35
C TYR A 227 -24.91 -0.03 -9.47
N MET A 228 -23.70 0.54 -9.30
CA MET A 228 -22.95 1.28 -10.32
C MET A 228 -22.69 0.36 -11.51
N PRO A 229 -22.76 0.90 -12.73
CA PRO A 229 -22.63 0.07 -13.92
C PRO A 229 -21.21 -0.49 -14.05
N GLU A 230 -21.16 -1.79 -14.32
CA GLU A 230 -19.94 -2.63 -14.43
C GLU A 230 -18.97 -2.06 -15.47
N ASP A 231 -19.50 -1.46 -16.53
CA ASP A 231 -18.67 -0.99 -17.66
C ASP A 231 -17.86 0.25 -17.24
N LEU A 232 -18.15 0.88 -16.07
CA LEU A 232 -17.44 2.09 -15.57
C LEU A 232 -16.43 1.72 -14.46
N ARG A 233 -16.26 0.43 -14.16
CA ARG A 233 -15.52 -0.11 -12.99
C ARG A 233 -14.03 0.24 -13.09
N ILE A 234 -13.46 0.22 -14.30
CA ILE A 234 -12.02 0.53 -14.61
C ILE A 234 -11.82 2.05 -14.55
N LYS A 235 -12.71 2.77 -15.23
CA LYS A 235 -12.69 4.24 -15.37
C LYS A 235 -12.84 4.87 -13.99
N ALA A 236 -13.70 4.31 -13.15
CA ALA A 236 -14.00 4.85 -11.81
C ALA A 236 -12.80 4.62 -10.89
N TYR A 237 -12.08 3.48 -11.01
CA TYR A 237 -10.83 3.24 -10.24
C TYR A 237 -9.84 4.34 -10.62
N SER A 238 -9.71 4.54 -11.93
CA SER A 238 -8.72 5.45 -12.55
C SER A 238 -8.95 6.91 -12.08
N GLU A 239 -10.21 7.34 -12.07
CA GLU A 239 -10.68 8.69 -11.71
C GLU A 239 -10.44 8.93 -10.23
N CYS A 240 -10.86 7.98 -9.41
CA CYS A 240 -10.66 7.99 -7.96
C CYS A 240 -9.16 8.08 -7.67
N ARG A 241 -8.35 7.19 -8.25
CA ARG A 241 -6.88 7.19 -8.00
C ARG A 241 -6.30 8.56 -8.36
N GLU A 242 -6.72 9.11 -9.50
CA GLU A 242 -6.18 10.38 -10.00
C GLU A 242 -6.54 11.51 -9.05
N ILE A 243 -7.82 11.66 -8.70
CA ILE A 243 -8.26 12.68 -7.71
C ILE A 243 -7.46 12.51 -6.42
N LEU A 244 -7.32 11.28 -5.94
CA LEU A 244 -6.56 10.98 -4.69
C LEU A 244 -5.17 11.61 -4.79
N TRP A 245 -4.46 11.37 -5.89
CA TRP A 245 -3.13 11.97 -6.17
C TRP A 245 -3.24 13.48 -6.18
N ALA A 246 -4.34 14.03 -6.70
CA ALA A 246 -4.53 15.49 -6.83
C ALA A 246 -4.68 16.10 -5.43
N LEU A 247 -5.51 15.50 -4.59
CA LEU A 247 -5.69 15.97 -3.19
C LEU A 247 -4.38 15.82 -2.43
N ASP A 248 -3.67 14.74 -2.73
CA ASP A 248 -2.38 14.40 -2.07
C ASP A 248 -1.42 15.56 -2.36
N ALA A 249 -1.23 15.84 -3.66
CA ALA A 249 -0.42 16.96 -4.17
C ALA A 249 -0.87 18.30 -3.54
N ALA A 250 -2.18 18.53 -3.40
CA ALA A 250 -2.72 19.77 -2.81
C ALA A 250 -2.41 19.82 -1.31
N TRP A 251 -2.29 18.68 -0.66
CA TRP A 251 -2.07 18.65 0.80
C TRP A 251 -0.58 18.57 1.13
N ALA A 252 0.30 18.65 0.13
CA ALA A 252 1.77 18.65 0.28
C ALA A 252 2.18 19.64 1.36
N ARG A 253 3.24 19.36 2.11
CA ARG A 253 3.77 20.28 3.14
C ARG A 253 2.98 20.15 4.46
N ASN A 254 1.77 19.58 4.47
CA ASN A 254 1.07 19.19 5.73
C ASN A 254 1.16 17.69 5.88
N PRO A 255 2.18 17.18 6.61
CA PRO A 255 2.33 15.74 6.80
C PRO A 255 1.25 15.08 7.70
N LYS A 256 0.52 15.85 8.50
CA LYS A 256 -0.60 15.30 9.31
C LYS A 256 -1.61 14.64 8.38
N LEU A 257 -1.94 15.30 7.27
CA LEU A 257 -3.06 14.95 6.33
C LEU A 257 -2.69 13.71 5.51
N VAL A 258 -1.41 13.39 5.44
CA VAL A 258 -0.89 12.13 4.83
C VAL A 258 -1.58 10.90 5.45
N ASN A 259 -2.03 11.00 6.70
CA ASN A 259 -2.70 9.86 7.39
C ASN A 259 -4.08 9.58 6.75
N VAL A 260 -4.71 10.60 6.20
CA VAL A 260 -6.04 10.48 5.52
C VAL A 260 -5.83 9.85 4.13
N ILE A 261 -4.91 10.39 3.34
CA ILE A 261 -4.63 9.92 1.95
C ILE A 261 -4.18 8.47 2.01
N ASN A 262 -3.20 8.19 2.86
CA ASN A 262 -2.65 6.81 3.06
C ASN A 262 -3.76 5.80 3.37
N PHE A 263 -4.73 6.15 4.21
CA PHE A 263 -5.85 5.25 4.54
C PHE A 263 -6.52 4.80 3.25
N LEU A 264 -6.87 5.75 2.38
CA LEU A 264 -7.68 5.53 1.16
C LEU A 264 -6.86 4.79 0.08
N ARG A 265 -5.61 5.21 -0.09
CA ARG A 265 -4.66 4.61 -1.07
C ARG A 265 -4.45 3.13 -0.71
N PHE A 266 -4.13 2.86 0.55
CA PHE A 266 -3.76 1.50 1.02
C PHE A 266 -5.01 0.61 1.14
N PHE A 267 -6.18 1.17 1.45
CA PHE A 267 -7.47 0.44 1.53
C PHE A 267 -8.00 0.16 0.11
N GLY A 268 -7.76 1.08 -0.83
CA GLY A 268 -8.39 1.03 -2.15
C GLY A 268 -7.71 0.09 -3.10
N GLY A 269 -7.55 -1.17 -2.69
CA GLY A 269 -7.07 -2.29 -3.53
C GLY A 269 -5.78 -2.92 -3.02
N PRO A 270 -4.74 -2.12 -2.67
CA PRO A 270 -3.45 -2.68 -2.27
C PRO A 270 -3.46 -3.75 -1.15
N ILE A 271 -4.35 -3.58 -0.19
CA ILE A 271 -4.50 -4.59 0.89
C ILE A 271 -4.72 -6.00 0.28
N HIS A 272 -5.18 -6.13 -0.97
CA HIS A 272 -5.41 -7.47 -1.58
C HIS A 272 -4.07 -8.19 -1.75
N MET A 273 -2.99 -7.44 -1.94
CA MET A 273 -1.64 -8.02 -2.11
C MET A 273 -0.95 -8.24 -0.75
N MET A 274 -1.41 -7.55 0.30
CA MET A 274 -0.59 -7.37 1.53
C MET A 274 -1.09 -8.28 2.64
N MET A 275 -2.40 -8.39 2.79
CA MET A 275 -3.08 -9.14 3.89
C MET A 275 -3.33 -10.59 3.46
N ARG A 276 -3.08 -11.54 4.36
CA ARG A 276 -3.39 -12.98 4.18
C ARG A 276 -4.89 -13.20 4.18
N ARG A 277 -5.68 -12.24 4.66
CA ARG A 277 -7.15 -12.31 4.50
C ARG A 277 -7.51 -12.59 3.03
N TYR A 278 -6.69 -12.11 2.11
CA TYR A 278 -6.94 -12.21 0.65
C TYR A 278 -6.04 -13.31 0.08
N ARG A 279 -6.24 -13.62 -1.20
CA ARG A 279 -5.69 -14.87 -1.78
C ARG A 279 -4.81 -14.53 -3.00
N PHE A 280 -4.11 -13.39 -2.96
CA PHE A 280 -3.05 -12.99 -3.94
C PHE A 280 -2.08 -14.15 -4.20
N VAL A 281 -1.53 -14.74 -3.14
CA VAL A 281 -0.54 -15.84 -3.18
C VAL A 281 -1.24 -17.10 -3.70
N GLU A 282 -2.39 -17.43 -3.14
CA GLU A 282 -3.17 -18.65 -3.45
C GLU A 282 -3.44 -18.62 -4.97
N GLU A 283 -3.75 -17.43 -5.51
CA GLU A 283 -4.05 -17.20 -6.95
C GLU A 283 -2.77 -16.89 -7.74
N ASN A 284 -1.60 -17.31 -7.24
CA ASN A 284 -0.29 -17.30 -7.98
C ASN A 284 0.24 -15.88 -8.24
N LEU A 285 0.05 -14.96 -7.29
CA LEU A 285 0.47 -13.55 -7.33
C LEU A 285 -0.30 -12.81 -8.45
N THR A 286 -1.61 -13.03 -8.57
CA THR A 286 -2.45 -12.29 -9.53
C THR A 286 -3.63 -11.63 -8.82
N ILE A 287 -4.12 -10.53 -9.41
CA ILE A 287 -5.36 -9.80 -9.06
C ILE A 287 -6.27 -9.88 -10.30
N GLY A 288 -7.58 -10.13 -10.13
CA GLY A 288 -8.55 -10.19 -11.25
C GLY A 288 -8.85 -11.62 -11.69
N LYS A 289 -8.86 -12.58 -10.75
CA LYS A 289 -9.48 -13.93 -10.84
C LYS A 289 -8.61 -14.89 -11.64
N ASN A 318 -39.71 -9.09 11.95
CA ASN A 318 -40.04 -8.60 13.31
C ASN A 318 -39.88 -7.07 13.34
N THR A 319 -40.90 -6.37 12.83
CA THR A 319 -40.96 -4.88 12.75
C THR A 319 -40.85 -4.21 14.13
N GLN A 320 -41.07 -4.94 15.23
CA GLN A 320 -40.90 -4.40 16.62
C GLN A 320 -39.42 -4.07 16.86
N ARG A 321 -38.55 -5.03 16.56
CA ARG A 321 -37.07 -4.93 16.78
C ARG A 321 -36.56 -3.72 15.98
N TYR A 322 -37.01 -3.58 14.73
CA TYR A 322 -36.65 -2.43 13.87
C TYR A 322 -37.00 -1.13 14.62
N LYS A 323 -38.23 -1.06 15.12
CA LYS A 323 -38.83 0.18 15.69
C LYS A 323 -38.17 0.49 17.03
N ALA A 324 -37.81 -0.55 17.80
CA ALA A 324 -37.06 -0.42 19.08
C ALA A 324 -35.65 0.16 18.82
N LEU A 325 -34.91 -0.40 17.84
CA LEU A 325 -33.57 0.08 17.42
C LEU A 325 -33.64 1.52 16.90
N ILE A 326 -34.65 1.86 16.09
CA ILE A 326 -34.89 3.24 15.57
C ILE A 326 -35.06 4.23 16.72
N GLY A 327 -35.72 3.80 17.82
CA GLY A 327 -35.89 4.57 19.07
C GLY A 327 -34.59 4.69 19.85
N ARG A 328 -33.66 3.77 19.60
CA ARG A 328 -32.29 3.81 20.17
C ARG A 328 -31.33 4.40 19.13
N SER A 329 -31.79 5.17 18.13
CA SER A 329 -30.93 5.58 16.97
C SER A 329 -29.80 6.52 17.39
N GLU A 330 -29.98 7.34 18.42
CA GLU A 330 -28.91 8.27 18.90
C GLU A 330 -27.71 7.47 19.42
N GLU A 331 -27.95 6.23 19.91
CA GLU A 331 -26.97 5.28 20.53
C GLU A 331 -26.30 4.42 19.43
N LEU A 332 -27.12 3.86 18.54
CA LEU A 332 -26.84 2.62 17.76
C LEU A 332 -26.62 2.89 16.27
N MET A 333 -27.04 4.04 15.74
CA MET A 333 -27.17 4.35 14.29
C MET A 333 -26.45 5.65 13.97
N PHE A 334 -25.73 5.71 12.85
CA PHE A 334 -25.06 6.98 12.41
C PHE A 334 -26.11 8.07 12.15
N PRO A 335 -25.73 9.37 12.32
CA PRO A 335 -26.64 10.46 12.11
C PRO A 335 -27.18 10.30 10.69
N GLY A 336 -28.49 10.11 10.57
CA GLY A 336 -29.24 10.08 9.30
C GLY A 336 -29.73 8.71 8.92
N LEU A 337 -29.14 7.65 9.48
CA LEU A 337 -29.46 6.25 9.10
C LEU A 337 -30.93 5.96 9.39
N ALA A 338 -31.44 6.40 10.53
CA ALA A 338 -32.84 6.08 10.89
C ALA A 338 -33.75 6.64 9.80
N GLU A 339 -33.54 7.89 9.37
CA GLU A 339 -34.30 8.54 8.26
C GLU A 339 -34.11 7.72 6.98
N PHE A 340 -32.87 7.43 6.57
CA PHE A 340 -32.54 6.55 5.43
C PHE A 340 -33.38 5.28 5.46
N LEU A 341 -33.57 4.67 6.63
CA LEU A 341 -34.29 3.37 6.75
C LEU A 341 -35.81 3.61 6.66
N GLU A 342 -36.31 4.68 7.28
CA GLU A 342 -37.74 5.09 7.17
C GLU A 342 -38.10 5.46 5.71
N VAL A 343 -37.27 6.25 5.02
CA VAL A 343 -37.61 6.74 3.65
C VAL A 343 -37.40 5.63 2.61
N GLY A 344 -36.32 4.84 2.69
CA GLY A 344 -35.90 3.88 1.65
C GLY A 344 -36.24 2.44 1.95
N GLY A 345 -36.53 2.14 3.22
CA GLY A 345 -36.78 0.77 3.72
C GLY A 345 -37.71 -0.05 2.84
N ASP A 346 -38.71 0.54 2.19
CA ASP A 346 -39.73 -0.20 1.37
C ASP A 346 -39.46 -0.07 -0.13
N GLY A 347 -38.35 0.54 -0.54
CA GLY A 347 -38.13 0.88 -1.95
C GLY A 347 -38.74 2.24 -2.28
N VAL A 348 -38.13 3.00 -3.19
CA VAL A 348 -38.53 4.37 -3.61
C VAL A 348 -38.89 4.38 -5.10
N CYS A 349 -38.81 3.24 -5.79
CA CYS A 349 -39.03 3.16 -7.25
C CYS A 349 -39.94 1.97 -7.60
N ASP A 350 -40.78 2.13 -8.63
CA ASP A 350 -41.80 1.14 -9.04
C ASP A 350 -41.16 0.12 -9.99
N LYS A 351 -40.06 0.46 -10.65
CA LYS A 351 -39.49 -0.41 -11.71
C LYS A 351 -38.30 -1.18 -11.12
N CYS A 352 -37.63 -0.62 -10.12
CA CYS A 352 -36.56 -1.31 -9.35
C CYS A 352 -37.15 -2.57 -8.72
N ARG A 353 -36.43 -3.70 -8.77
CA ARG A 353 -36.91 -5.00 -8.24
C ARG A 353 -36.26 -5.28 -6.86
N TYR A 354 -37.11 -5.27 -5.83
CA TYR A 354 -36.82 -5.60 -4.42
C TYR A 354 -37.19 -7.08 -4.20
N ARG A 355 -36.51 -7.76 -3.27
CA ARG A 355 -36.95 -9.08 -2.76
C ARG A 355 -37.62 -8.88 -1.40
N GLU A 356 -38.57 -9.76 -1.04
CA GLU A 356 -39.38 -9.67 0.20
C GLU A 356 -38.48 -9.94 1.40
N SER A 357 -37.31 -10.56 1.20
CA SER A 357 -36.21 -10.75 2.21
C SER A 357 -34.90 -11.18 1.53
N TYR A 358 -33.75 -11.00 2.21
CA TYR A 358 -32.37 -11.17 1.67
C TYR A 358 -31.56 -12.14 2.56
N HIS A 364 -22.71 -16.44 -7.50
CA HIS A 364 -22.09 -15.81 -8.70
C HIS A 364 -23.01 -14.71 -9.23
N GLN A 365 -23.60 -13.96 -8.31
CA GLN A 365 -24.56 -12.85 -8.53
C GLN A 365 -24.60 -12.04 -7.23
N PHE A 366 -24.91 -10.75 -7.32
CA PHE A 366 -25.10 -9.85 -6.16
C PHE A 366 -26.46 -10.14 -5.53
N GLY A 367 -26.53 -10.05 -4.20
CA GLY A 367 -27.69 -10.44 -3.38
C GLY A 367 -28.61 -9.29 -3.04
N GLY A 368 -28.45 -8.14 -3.69
CA GLY A 368 -29.14 -6.91 -3.27
C GLY A 368 -30.34 -6.58 -4.15
N VAL A 369 -30.82 -5.34 -4.02
CA VAL A 369 -31.84 -4.74 -4.95
C VAL A 369 -31.27 -4.80 -6.36
N GLU A 370 -32.09 -5.03 -7.38
CA GLU A 370 -31.70 -4.84 -8.80
C GLU A 370 -32.26 -3.51 -9.28
N LEU A 371 -31.41 -2.54 -9.60
CA LEU A 371 -31.82 -1.21 -10.10
C LEU A 371 -32.46 -1.35 -11.49
N CYS A 372 -33.59 -0.67 -11.74
CA CYS A 372 -34.12 -0.65 -13.12
C CYS A 372 -33.16 0.20 -13.93
N SER A 373 -33.33 0.22 -15.24
CA SER A 373 -32.36 0.85 -16.17
C SER A 373 -32.47 2.38 -16.10
N GLU A 374 -33.64 2.95 -15.77
CA GLU A 374 -33.84 4.42 -15.61
C GLU A 374 -33.11 4.91 -14.34
N CYS A 375 -33.12 4.10 -13.29
CA CYS A 375 -32.37 4.37 -12.04
C CYS A 375 -30.88 4.23 -12.32
N LYS A 376 -30.46 3.23 -13.10
CA LYS A 376 -29.03 2.95 -13.36
C LYS A 376 -28.39 4.14 -14.07
N LEU A 377 -29.14 4.83 -14.91
CA LEU A 377 -28.63 6.02 -15.62
C LEU A 377 -28.25 7.05 -14.57
N SER A 378 -29.14 7.35 -13.63
CA SER A 378 -28.89 8.33 -12.54
C SER A 378 -27.65 7.91 -11.77
N TRP A 379 -27.45 6.62 -11.57
CA TRP A 379 -26.25 6.09 -10.86
C TRP A 379 -25.02 6.36 -11.73
N ARG A 380 -25.09 5.97 -13.02
CA ARG A 380 -24.03 6.26 -14.02
C ARG A 380 -23.64 7.73 -13.99
N GLN A 381 -24.65 8.61 -14.06
CA GLN A 381 -24.44 10.07 -14.19
C GLN A 381 -23.77 10.63 -12.93
N TYR A 382 -24.05 10.03 -11.77
CA TYR A 382 -23.54 10.51 -10.47
C TYR A 382 -22.05 10.16 -10.39
N LEU A 383 -21.72 8.93 -10.76
CA LEU A 383 -20.33 8.47 -10.97
C LEU A 383 -19.59 9.43 -11.92
N GLU A 384 -20.23 9.82 -13.04
CA GLU A 384 -19.61 10.58 -14.15
C GLU A 384 -19.37 12.05 -13.75
N CYS A 385 -20.03 12.56 -12.72
CA CYS A 385 -19.77 13.94 -12.21
C CYS A 385 -19.05 13.91 -10.85
N PHE A 386 -18.23 12.88 -10.60
CA PHE A 386 -17.48 12.67 -9.33
C PHE A 386 -16.42 13.78 -9.19
N VAL A 387 -15.70 14.06 -10.26
CA VAL A 387 -14.64 15.12 -10.28
C VAL A 387 -15.21 16.49 -9.87
N GLU A 388 -16.33 16.93 -10.46
CA GLU A 388 -17.01 18.20 -10.09
C GLU A 388 -17.50 18.13 -8.63
N ARG A 389 -18.09 17.00 -8.20
CA ARG A 389 -18.59 16.84 -6.80
C ARG A 389 -17.41 16.88 -5.83
N ALA A 390 -16.24 16.40 -6.25
CA ALA A 390 -14.99 16.46 -5.45
C ALA A 390 -14.49 17.90 -5.35
N ALA A 391 -14.31 18.57 -6.49
CA ALA A 391 -13.77 19.96 -6.57
C ALA A 391 -14.67 20.91 -5.78
N ASP A 392 -15.93 20.52 -5.66
CA ASP A 392 -17.01 21.31 -5.04
C ASP A 392 -16.82 21.42 -3.53
N VAL A 393 -16.51 20.32 -2.84
CA VAL A 393 -16.36 20.27 -1.35
C VAL A 393 -14.87 20.51 -1.04
N PHE A 394 -13.99 20.21 -2.01
CA PHE A 394 -12.53 20.43 -1.90
C PHE A 394 -12.08 21.44 -2.96
N PRO A 395 -12.30 22.74 -2.69
CA PRO A 395 -12.05 23.78 -3.69
C PRO A 395 -10.58 23.75 -4.15
N GLU A 396 -9.68 23.33 -3.26
CA GLU A 396 -8.21 23.19 -3.54
C GLU A 396 -7.97 22.33 -4.78
N LEU A 397 -8.92 21.50 -5.22
CA LEU A 397 -8.75 20.71 -6.47
C LEU A 397 -8.89 21.61 -7.71
N LYS A 398 -9.68 22.71 -7.63
CA LYS A 398 -10.04 23.53 -8.83
C LYS A 398 -8.79 24.18 -9.42
N THR A 399 -7.94 24.75 -8.54
CA THR A 399 -6.58 25.29 -8.78
C THR A 399 -5.88 24.56 -9.92
N MET B 29 -6.62 12.22 -18.05
CA MET B 29 -5.45 11.87 -17.20
C MET B 29 -4.42 13.00 -17.26
N THR B 30 -4.16 13.63 -16.11
CA THR B 30 -3.14 14.69 -15.97
C THR B 30 -2.22 14.30 -14.79
N TRP B 31 -1.05 14.92 -14.72
CA TRP B 31 0.05 14.57 -13.78
C TRP B 31 -0.08 15.50 -12.58
N TYR B 32 0.00 14.93 -11.37
CA TYR B 32 -0.15 15.65 -10.08
C TYR B 32 1.09 15.46 -9.23
N TYR B 33 1.60 16.57 -8.70
CA TYR B 33 2.85 16.61 -7.92
C TYR B 33 2.97 17.97 -7.27
N PRO B 34 3.67 18.07 -6.15
CA PRO B 34 3.73 19.32 -5.42
C PRO B 34 4.43 20.32 -6.33
N PRO B 35 3.97 21.58 -6.30
CA PRO B 35 4.52 22.62 -7.18
C PRO B 35 6.01 22.95 -6.95
N ASP B 36 6.58 22.55 -5.80
CA ASP B 36 8.03 22.64 -5.50
C ASP B 36 8.95 22.08 -6.59
N ILE B 37 8.51 21.04 -7.31
CA ILE B 37 9.33 20.37 -8.36
C ILE B 37 8.74 20.66 -9.75
N ALA B 38 7.70 21.50 -9.82
CA ALA B 38 6.91 21.71 -11.05
C ALA B 38 7.71 22.53 -12.08
N SER B 39 8.78 23.16 -11.64
CA SER B 39 9.68 24.00 -12.46
C SER B 39 11.12 23.49 -12.33
N ASP B 40 11.32 22.25 -11.86
CA ASP B 40 12.61 21.55 -12.00
C ASP B 40 12.90 21.35 -13.50
N LEU B 41 14.13 20.97 -13.82
CA LEU B 41 14.57 20.58 -15.19
C LEU B 41 14.43 21.76 -16.16
N GLN B 42 14.62 23.01 -15.71
CA GLN B 42 14.56 24.19 -16.63
C GLN B 42 15.73 24.12 -17.63
N SER B 43 16.85 23.54 -17.23
CA SER B 43 18.05 23.39 -18.08
C SER B 43 17.91 22.25 -19.10
N VAL B 44 16.84 21.43 -19.02
CA VAL B 44 16.73 20.17 -19.78
C VAL B 44 15.70 20.35 -20.90
N ASN B 45 16.10 20.03 -22.12
CA ASN B 45 15.22 20.11 -23.31
C ASN B 45 14.41 18.81 -23.38
N LEU B 46 13.21 18.83 -22.79
CA LEU B 46 12.20 17.74 -22.90
C LEU B 46 10.82 18.39 -22.93
N PRO B 47 9.85 17.76 -23.64
CA PRO B 47 8.48 18.25 -23.64
C PRO B 47 7.92 18.35 -22.21
N ALA B 48 7.23 19.47 -21.93
CA ALA B 48 6.69 19.78 -20.61
C ALA B 48 5.81 18.63 -20.12
N GLU B 49 5.15 17.88 -21.02
CA GLU B 49 4.29 16.70 -20.68
C GLU B 49 5.15 15.53 -20.18
N LEU B 50 6.37 15.38 -20.68
CA LEU B 50 7.27 14.30 -20.20
C LEU B 50 7.84 14.73 -18.82
N LYS B 51 8.22 15.98 -18.69
CA LYS B 51 8.60 16.56 -17.38
C LYS B 51 7.44 16.30 -16.39
N GLY B 52 6.23 16.68 -16.73
CA GLY B 52 5.04 16.39 -15.89
C GLY B 52 4.99 14.91 -15.50
N GLU B 53 5.08 14.01 -16.47
CA GLU B 53 5.05 12.54 -16.22
C GLU B 53 6.16 12.15 -15.23
N ILE B 54 7.39 12.62 -15.43
CA ILE B 54 8.58 12.36 -14.56
C ILE B 54 8.33 12.92 -13.13
N PHE B 55 7.86 14.15 -13.01
CA PHE B 55 7.52 14.77 -11.70
C PHE B 55 6.46 13.93 -10.97
N ALA B 56 5.42 13.51 -11.68
CA ALA B 56 4.35 12.66 -11.15
C ALA B 56 4.97 11.35 -10.63
N CYS B 57 5.76 10.66 -11.45
CA CYS B 57 6.47 9.42 -11.09
C CYS B 57 7.24 9.60 -9.77
N ALA B 58 8.07 10.63 -9.66
CA ALA B 58 8.86 10.87 -8.44
C ALA B 58 7.95 11.16 -7.26
N TRP B 59 6.97 12.04 -7.42
CA TRP B 59 5.99 12.35 -6.34
C TRP B 59 5.28 11.07 -5.90
N GLU B 60 4.77 10.26 -6.84
CA GLU B 60 3.96 9.05 -6.54
C GLU B 60 4.85 7.97 -5.87
N TYR B 61 6.10 7.83 -6.30
CA TYR B 61 6.98 6.79 -5.70
C TYR B 61 7.29 7.18 -4.27
N THR B 62 7.57 8.47 -4.06
CA THR B 62 7.96 8.99 -2.74
C THR B 62 6.81 8.72 -1.77
N ARG B 63 5.59 9.14 -2.11
CA ARG B 63 4.43 9.04 -1.18
C ARG B 63 4.07 7.57 -0.91
N CYS B 64 4.26 6.70 -1.91
CA CYS B 64 3.94 5.25 -1.82
C CYS B 64 4.89 4.56 -0.82
N VAL B 65 6.20 4.63 -1.03
CA VAL B 65 7.18 3.83 -0.22
C VAL B 65 7.78 4.64 0.97
N ILE B 66 7.58 5.96 1.04
CA ILE B 66 7.87 6.76 2.27
C ILE B 66 6.56 7.45 2.66
N PRO B 67 5.54 6.68 3.08
CA PRO B 67 4.21 7.24 3.30
C PRO B 67 4.10 8.26 4.44
N ASN B 68 5.05 8.31 5.38
CA ASN B 68 5.11 9.41 6.40
C ASN B 68 6.33 10.28 6.12
N TYR B 69 6.30 11.54 6.59
CA TYR B 69 7.48 12.44 6.67
C TYR B 69 7.28 13.51 7.77
N THR B 70 8.38 14.09 8.22
CA THR B 70 8.40 15.25 9.14
C THR B 70 9.17 16.40 8.49
N ASN B 71 10.08 16.06 7.56
CA ASN B 71 11.10 16.96 6.98
C ASN B 71 10.79 17.09 5.50
N TRP B 72 10.06 18.14 5.17
CA TRP B 72 9.63 18.42 3.79
C TRP B 72 10.85 18.69 2.95
N ASN B 73 11.85 19.36 3.53
CA ASN B 73 13.00 19.72 2.70
C ASN B 73 13.64 18.43 2.18
N ARG B 74 13.93 17.47 3.09
CA ARG B 74 14.54 16.17 2.77
C ARG B 74 13.64 15.39 1.79
N TYR B 75 12.33 15.51 1.96
CA TYR B 75 11.34 14.80 1.10
C TYR B 75 11.53 15.31 -0.31
N VAL B 76 11.63 16.62 -0.50
CA VAL B 76 11.81 17.15 -1.88
C VAL B 76 13.20 16.73 -2.36
N ALA B 77 14.21 16.76 -1.49
CA ALA B 77 15.54 16.28 -1.91
C ALA B 77 15.38 14.86 -2.48
N PHE B 78 14.65 13.98 -1.77
CA PHE B 78 14.46 12.58 -2.22
C PHE B 78 13.75 12.59 -3.58
N MET B 79 12.65 13.32 -3.75
CA MET B 79 11.93 13.35 -5.06
C MET B 79 12.93 13.65 -6.18
N ARG B 80 13.88 14.55 -5.94
CA ARG B 80 14.80 15.01 -7.01
C ARG B 80 15.80 13.91 -7.37
N THR B 81 16.26 13.10 -6.42
CA THR B 81 17.09 11.91 -6.71
C THR B 81 16.28 10.94 -7.60
N ILE B 82 14.99 10.81 -7.33
CA ILE B 82 14.08 9.94 -8.16
C ILE B 82 13.93 10.61 -9.52
N ILE B 83 13.75 11.94 -9.58
CA ILE B 83 13.62 12.65 -10.87
C ILE B 83 14.85 12.32 -11.74
N ILE B 84 16.04 12.52 -11.21
CA ILE B 84 17.28 12.22 -11.96
C ILE B 84 17.26 10.75 -12.37
N GLY B 85 16.99 9.84 -11.43
CA GLY B 85 16.98 8.38 -11.68
C GLY B 85 16.00 7.94 -12.78
N VAL B 86 14.77 8.47 -12.77
CA VAL B 86 13.79 8.22 -13.86
C VAL B 86 14.40 8.57 -15.22
N ILE B 87 15.22 9.62 -15.29
CA ILE B 87 15.75 10.15 -16.59
C ILE B 87 16.97 9.31 -16.95
N ALA B 88 17.76 8.89 -15.97
CA ALA B 88 18.91 8.01 -16.24
C ALA B 88 18.36 6.75 -16.89
N GLU B 89 17.22 6.23 -16.38
CA GLU B 89 16.66 4.87 -16.64
C GLU B 89 16.10 4.74 -18.07
N PHE B 90 15.87 5.86 -18.76
CA PHE B 90 15.31 5.85 -20.15
C PHE B 90 16.17 6.67 -21.12
N ARG B 91 17.09 7.53 -20.67
CA ARG B 91 17.98 8.29 -21.60
C ARG B 91 19.36 8.54 -20.97
N GLY B 92 20.10 7.45 -20.72
CA GLY B 92 21.47 7.43 -20.15
C GLY B 92 22.36 8.56 -20.64
N GLU B 93 22.24 8.99 -21.89
CA GLU B 93 23.14 10.01 -22.53
C GLU B 93 23.05 11.34 -21.77
N MET B 94 21.89 11.62 -21.17
CA MET B 94 21.55 12.89 -20.48
C MET B 94 22.07 12.93 -19.05
N VAL B 95 22.61 11.82 -18.52
CA VAL B 95 23.12 11.69 -17.13
C VAL B 95 24.51 11.07 -17.16
N ASP B 96 25.50 11.82 -16.68
CA ASP B 96 26.87 11.29 -16.47
C ASP B 96 27.41 11.82 -15.14
N VAL B 97 27.21 11.07 -14.04
CA VAL B 97 27.92 11.28 -12.73
C VAL B 97 29.41 11.50 -12.97
N THR B 98 30.03 10.89 -13.99
CA THR B 98 31.52 10.85 -14.12
C THR B 98 32.07 12.26 -14.32
N ALA B 99 31.36 13.12 -15.09
CA ALA B 99 31.78 14.46 -15.57
C ALA B 99 31.85 15.49 -14.43
N SER B 100 31.36 15.15 -13.23
CA SER B 100 31.75 15.84 -11.96
C SER B 100 31.06 17.21 -11.87
N THR B 101 30.02 17.47 -12.68
CA THR B 101 29.31 18.77 -12.74
C THR B 101 27.87 18.61 -12.21
N SER B 102 27.01 19.61 -12.45
CA SER B 102 25.57 19.57 -12.13
C SER B 102 24.95 18.47 -13.01
N ILE B 103 23.87 17.84 -12.55
CA ILE B 103 23.15 16.76 -13.29
C ILE B 103 21.70 17.24 -13.51
N LEU B 104 21.32 17.44 -14.76
CA LEU B 104 19.96 17.85 -15.20
C LEU B 104 19.55 19.10 -14.42
N GLY B 105 20.54 19.95 -14.13
CA GLY B 105 20.38 21.28 -13.52
C GLY B 105 20.39 21.22 -12.02
N TYR B 106 20.59 20.05 -11.43
CA TYR B 106 20.73 19.88 -9.97
C TYR B 106 22.22 19.81 -9.60
N ASP B 107 22.54 20.33 -8.42
CA ASP B 107 23.85 20.13 -7.76
C ASP B 107 23.72 18.85 -6.94
N LEU B 108 24.10 17.71 -7.52
CA LEU B 108 23.86 16.33 -6.99
C LEU B 108 24.36 16.23 -5.55
N ASP B 109 25.63 16.54 -5.26
CA ASP B 109 26.20 16.44 -3.88
C ASP B 109 25.37 17.30 -2.93
N GLY B 110 24.79 18.41 -3.42
CA GLY B 110 23.92 19.31 -2.65
C GLY B 110 22.56 18.71 -2.36
N VAL B 111 21.92 18.11 -3.36
CA VAL B 111 20.65 17.39 -3.09
C VAL B 111 20.94 16.29 -2.04
N LEU B 112 22.01 15.53 -2.24
CA LEU B 112 22.37 14.41 -1.34
C LEU B 112 22.69 14.94 0.07
N ALA B 113 23.24 16.13 0.22
CA ALA B 113 23.54 16.66 1.59
C ALA B 113 22.23 17.17 2.22
N ALA B 114 21.37 17.77 1.40
CA ALA B 114 20.02 18.21 1.84
C ALA B 114 19.31 17.00 2.45
N LEU B 115 19.50 15.84 1.82
CA LEU B 115 18.80 14.60 2.18
C LEU B 115 19.43 13.98 3.43
N PHE B 116 20.77 13.91 3.47
CA PHE B 116 21.47 12.96 4.39
C PHE B 116 22.40 13.64 5.41
N GLU B 117 22.62 14.94 5.34
CA GLU B 117 23.57 15.61 6.29
C GLU B 117 23.07 15.40 7.72
N GLY B 118 23.92 14.87 8.58
CA GLY B 118 23.56 14.53 9.97
C GLY B 118 23.12 13.09 10.10
N THR B 119 22.87 12.38 8.99
CA THR B 119 22.38 10.99 9.04
C THR B 119 23.64 10.13 9.14
N PRO B 120 23.53 8.87 9.58
CA PRO B 120 24.70 8.03 9.82
C PRO B 120 25.40 7.44 8.58
N GLY B 121 24.78 7.48 7.39
CA GLY B 121 25.30 6.83 6.18
C GLY B 121 25.48 7.79 5.01
N HIS B 122 25.57 9.10 5.27
CA HIS B 122 25.65 10.15 4.24
C HIS B 122 26.65 9.77 3.14
N LYS B 123 27.86 9.40 3.52
CA LYS B 123 28.96 9.18 2.54
C LYS B 123 28.63 7.92 1.74
N GLU B 124 28.32 6.82 2.42
CA GLU B 124 27.90 5.51 1.82
C GLU B 124 26.66 5.70 0.92
N MET B 125 25.64 6.44 1.37
CA MET B 125 24.42 6.57 0.55
C MET B 125 24.73 7.40 -0.69
N ALA B 126 25.61 8.39 -0.59
CA ALA B 126 26.07 9.19 -1.75
C ALA B 126 26.74 8.26 -2.76
N ARG B 127 27.69 7.40 -2.32
CA ARG B 127 28.33 6.35 -3.17
C ARG B 127 27.28 5.42 -3.78
N GLU B 128 26.29 5.01 -2.98
CA GLU B 128 25.20 4.07 -3.37
C GLU B 128 24.48 4.66 -4.57
N TYR B 129 24.08 5.92 -4.41
CA TYR B 129 23.28 6.65 -5.42
C TYR B 129 24.12 6.77 -6.69
N LYS B 130 25.36 7.20 -6.52
CA LYS B 130 26.26 7.52 -7.67
C LYS B 130 26.45 6.24 -8.50
N THR B 131 26.46 5.09 -7.85
CA THR B 131 26.65 3.77 -8.49
C THR B 131 25.44 3.49 -9.37
N PHE B 132 24.27 3.78 -8.82
CA PHE B 132 22.95 3.65 -9.49
C PHE B 132 22.96 4.51 -10.76
N LEU B 133 23.42 5.75 -10.67
CA LEU B 133 23.50 6.70 -11.81
C LEU B 133 24.50 6.17 -12.84
N LEU B 134 25.69 5.77 -12.36
CA LEU B 134 26.76 5.15 -13.20
C LEU B 134 26.20 3.96 -14.00
N ILE B 135 25.59 2.98 -13.32
CA ILE B 135 25.17 1.67 -13.93
C ILE B 135 23.85 1.88 -14.68
N THR B 136 22.88 2.57 -14.10
CA THR B 136 21.58 2.78 -14.79
C THR B 136 21.87 3.51 -16.12
N ALA B 137 22.61 4.61 -16.12
CA ALA B 137 22.82 5.46 -17.33
C ALA B 137 23.67 4.72 -18.39
N ASP B 138 24.54 3.80 -18.00
CA ASP B 138 25.26 2.92 -18.95
C ASP B 138 24.29 1.91 -19.57
N LYS B 139 23.52 1.19 -18.75
CA LYS B 139 22.47 0.22 -19.20
C LYS B 139 21.62 0.90 -20.28
N ALA B 140 21.18 2.15 -20.07
CA ALA B 140 20.21 2.88 -20.92
C ALA B 140 20.92 3.81 -21.91
N SER B 141 22.10 3.41 -22.41
CA SER B 141 22.86 4.22 -23.40
C SER B 141 23.79 3.33 -24.21
N GLU B 142 24.57 3.96 -25.09
CA GLU B 142 25.58 3.32 -25.98
C GLU B 142 26.60 2.56 -25.10
N ARG B 143 26.82 3.02 -23.86
CA ARG B 143 27.86 2.49 -22.93
C ARG B 143 27.47 1.09 -22.42
N ARG B 144 26.21 0.68 -22.65
CA ARG B 144 25.66 -0.69 -22.45
C ARG B 144 26.64 -1.77 -22.96
N ASP B 145 27.46 -1.44 -23.97
CA ASP B 145 28.44 -2.36 -24.65
C ASP B 145 29.86 -2.23 -24.07
N GLY B 146 30.07 -1.37 -23.08
CA GLY B 146 31.39 -1.14 -22.47
C GLY B 146 31.84 -2.28 -21.57
N GLU B 147 33.13 -2.27 -21.22
CA GLU B 147 33.74 -3.21 -20.24
C GLU B 147 32.98 -3.09 -18.92
N LEU B 148 32.81 -1.87 -18.41
CA LEU B 148 32.21 -1.60 -17.08
C LEU B 148 30.87 -2.34 -16.95
N PHE B 149 29.94 -2.10 -17.86
CA PHE B 149 28.63 -2.81 -17.89
C PHE B 149 28.79 -4.34 -18.10
N ARG B 150 29.69 -4.77 -18.99
CA ARG B 150 29.96 -6.20 -19.27
C ARG B 150 30.36 -6.87 -17.94
N ARG B 151 31.20 -6.21 -17.15
CA ARG B 151 31.72 -6.78 -15.90
C ARG B 151 30.59 -6.82 -14.86
N TYR B 152 29.80 -5.74 -14.79
CA TYR B 152 28.69 -5.59 -13.82
C TYR B 152 27.69 -6.74 -14.03
N VAL B 153 27.30 -7.03 -15.27
CA VAL B 153 26.27 -8.06 -15.55
C VAL B 153 26.81 -9.44 -15.19
N ASN B 154 28.11 -9.68 -15.39
CA ASN B 154 28.76 -10.97 -15.04
C ASN B 154 28.86 -11.07 -13.52
N ALA B 155 29.23 -9.97 -12.87
CA ALA B 155 29.25 -9.81 -11.39
C ALA B 155 27.88 -10.06 -10.73
N LEU B 156 26.74 -9.82 -11.40
CA LEU B 156 25.38 -10.09 -10.83
C LEU B 156 25.26 -11.58 -10.46
N ALA B 157 25.94 -12.44 -11.21
CA ALA B 157 25.77 -13.92 -11.22
C ALA B 157 26.86 -14.66 -10.42
N GLN B 158 27.89 -13.97 -9.93
CA GLN B 158 28.87 -14.50 -8.94
C GLN B 158 28.19 -15.44 -7.93
N SER B 159 27.24 -14.92 -7.14
CA SER B 159 26.49 -15.66 -6.08
C SER B 159 25.15 -15.01 -5.84
N PRO B 160 24.18 -15.70 -5.20
CA PRO B 160 22.90 -15.09 -4.86
C PRO B 160 23.01 -13.92 -3.88
N ARG B 161 23.95 -13.97 -2.94
CA ARG B 161 24.18 -12.88 -1.95
C ARG B 161 24.64 -11.61 -2.68
N HIS B 162 25.53 -11.79 -3.68
CA HIS B 162 26.04 -10.76 -4.63
C HIS B 162 24.89 -10.16 -5.44
N TRP B 163 24.07 -10.99 -6.07
CA TRP B 163 22.86 -10.55 -6.83
C TRP B 163 22.03 -9.57 -6.00
N PHE B 164 21.63 -9.96 -4.80
CA PHE B 164 20.73 -9.18 -3.93
C PHE B 164 21.43 -7.87 -3.54
N ARG B 165 22.76 -7.88 -3.36
CA ARG B 165 23.50 -6.66 -2.94
C ARG B 165 23.43 -5.65 -4.10
N MET B 166 23.65 -6.15 -5.32
CA MET B 166 23.73 -5.33 -6.54
C MET B 166 22.31 -4.93 -6.99
N ARG B 167 21.34 -5.84 -6.88
CA ARG B 167 19.91 -5.52 -7.12
C ARG B 167 19.51 -4.41 -6.12
N ASP B 168 19.89 -4.53 -4.86
CA ASP B 168 19.64 -3.49 -3.84
C ASP B 168 19.96 -2.13 -4.49
N CYS B 169 21.20 -1.95 -4.91
CA CYS B 169 21.72 -0.66 -5.44
C CYS B 169 20.99 -0.30 -6.73
N ASP B 170 20.68 -1.28 -7.59
CA ASP B 170 19.94 -1.05 -8.86
C ASP B 170 18.53 -0.48 -8.55
N ALA B 171 17.96 -0.74 -7.36
CA ALA B 171 16.59 -0.37 -6.98
C ALA B 171 16.58 0.75 -5.93
N LEU B 172 17.73 1.27 -5.56
CA LEU B 172 17.94 2.24 -4.44
C LEU B 172 17.25 1.77 -3.17
N ALA B 173 17.36 0.49 -2.84
CA ALA B 173 16.51 -0.09 -1.79
C ALA B 173 16.99 0.46 -0.45
N ARG B 174 18.25 0.21 -0.09
CA ARG B 174 18.82 0.61 1.22
C ARG B 174 18.95 2.15 1.19
N PHE B 175 19.20 2.72 0.00
CA PHE B 175 19.18 4.17 -0.23
C PHE B 175 17.84 4.75 0.21
N THR B 176 16.76 4.08 -0.21
CA THR B 176 15.38 4.49 0.16
C THR B 176 15.09 4.18 1.64
N ILE B 177 15.66 3.12 2.24
CA ILE B 177 15.44 2.85 3.69
C ILE B 177 16.06 4.03 4.46
N ALA B 178 17.25 4.41 4.04
CA ALA B 178 18.02 5.50 4.69
C ALA B 178 17.23 6.80 4.52
N SER B 179 16.70 7.03 3.32
CA SER B 179 15.92 8.25 2.97
C SER B 179 14.61 8.28 3.77
N ALA B 180 13.98 7.12 4.01
CA ALA B 180 12.75 7.05 4.83
C ALA B 180 13.06 7.47 6.28
N LEU B 181 14.22 7.11 6.80
CA LEU B 181 14.64 7.50 8.18
C LEU B 181 14.93 9.00 8.21
N ALA B 182 15.74 9.48 7.28
CA ALA B 182 16.08 10.91 7.08
C ALA B 182 14.80 11.74 6.98
N CYS B 183 13.91 11.44 6.03
CA CYS B 183 12.64 12.21 5.79
C CYS B 183 11.73 12.21 7.05
N ASN B 184 12.05 11.42 8.07
CA ASN B 184 11.30 11.39 9.34
C ASN B 184 12.22 11.83 10.50
N ASP B 185 13.40 12.38 10.21
CA ASP B 185 14.28 13.03 11.22
C ASP B 185 14.81 11.97 12.18
N LEU B 186 14.92 10.72 11.71
CA LEU B 186 15.46 9.61 12.52
C LEU B 186 16.95 9.48 12.25
N ASP B 187 17.66 10.49 12.72
CA ASP B 187 19.05 10.77 12.26
C ASP B 187 20.02 9.78 12.92
N ASP B 188 19.52 8.96 13.84
CA ASP B 188 20.37 8.09 14.69
C ASP B 188 20.01 6.61 14.50
N ILE B 189 19.09 6.24 13.62
CA ILE B 189 18.78 4.79 13.36
C ILE B 189 19.63 4.32 12.18
N TRP B 190 20.26 3.16 12.33
CA TRP B 190 21.07 2.49 11.27
C TRP B 190 21.05 0.99 11.49
N TYR B 191 21.53 0.29 10.48
CA TYR B 191 21.59 -1.18 10.47
C TYR B 191 23.02 -1.60 10.11
N THR B 192 23.39 -2.81 10.54
CA THR B 192 24.62 -3.52 10.09
C THR B 192 24.47 -3.86 8.60
N GLU B 193 25.61 -4.10 7.94
CA GLU B 193 25.63 -4.50 6.51
C GLU B 193 24.64 -5.66 6.30
N GLU B 194 24.73 -6.69 7.17
CA GLU B 194 23.95 -7.96 7.15
C GLU B 194 22.45 -7.62 7.23
N GLN B 195 22.12 -6.65 8.07
CA GLN B 195 20.70 -6.28 8.31
C GLN B 195 20.14 -5.58 7.07
N PHE B 196 20.89 -4.69 6.40
CA PHE B 196 20.40 -4.07 5.14
C PHE B 196 20.22 -5.19 4.13
N GLU B 197 21.21 -6.06 4.04
CA GLU B 197 21.19 -7.12 3.01
C GLU B 197 19.86 -7.89 3.07
N ILE B 198 19.42 -8.25 4.28
CA ILE B 198 18.19 -9.07 4.51
C ILE B 198 16.99 -8.20 4.19
N LEU B 199 16.97 -6.96 4.71
CA LEU B 199 15.84 -6.03 4.58
C LEU B 199 15.54 -5.80 3.10
N THR B 200 16.58 -5.59 2.31
CA THR B 200 16.48 -5.27 0.86
C THR B 200 16.16 -6.55 0.09
N GLU B 201 16.60 -7.70 0.60
CA GLU B 201 16.31 -9.01 -0.02
C GLU B 201 14.79 -9.27 0.08
N ILE B 202 14.22 -8.98 1.25
CA ILE B 202 12.76 -9.02 1.45
C ILE B 202 12.09 -8.17 0.35
N GLY B 203 12.38 -6.87 0.34
CA GLY B 203 11.75 -5.89 -0.56
C GLY B 203 11.96 -6.24 -2.01
N ASP B 204 13.19 -6.59 -2.39
CA ASP B 204 13.60 -6.84 -3.79
C ASP B 204 12.95 -8.12 -4.31
N THR B 205 12.83 -9.15 -3.45
CA THR B 205 12.18 -10.45 -3.77
C THR B 205 10.67 -10.26 -3.95
N LEU B 206 10.00 -9.59 -3.01
CA LEU B 206 8.56 -9.27 -3.12
C LEU B 206 8.32 -8.50 -4.42
N TYR B 207 9.11 -7.45 -4.67
CA TYR B 207 8.95 -6.60 -5.86
C TYR B 207 9.21 -7.48 -7.10
N ASP B 208 10.37 -8.13 -7.17
CA ASP B 208 10.77 -8.92 -8.37
C ASP B 208 9.77 -10.04 -8.62
N ALA B 209 9.14 -10.59 -7.59
CA ALA B 209 8.12 -11.66 -7.76
C ALA B 209 6.94 -11.10 -8.56
N VAL B 210 6.38 -10.00 -8.07
CA VAL B 210 5.21 -9.31 -8.69
C VAL B 210 5.59 -8.77 -10.08
N ALA B 211 6.76 -8.16 -10.24
CA ALA B 211 7.15 -7.45 -11.47
C ALA B 211 7.70 -8.43 -12.52
N PHE B 212 7.77 -9.73 -12.21
CA PHE B 212 8.28 -10.80 -13.10
C PHE B 212 7.93 -10.44 -14.55
N TYR B 213 6.64 -10.54 -14.90
CA TYR B 213 6.16 -10.34 -16.30
C TYR B 213 6.62 -8.98 -16.85
N LYS B 214 6.40 -7.89 -16.12
CA LYS B 214 6.86 -6.54 -16.55
C LYS B 214 8.32 -6.60 -17.01
N HIS B 215 9.15 -7.40 -16.32
CA HIS B 215 10.63 -7.46 -16.52
C HIS B 215 11.00 -8.47 -17.64
N ARG B 216 10.23 -9.56 -17.80
CA ARG B 216 10.48 -10.62 -18.82
C ARG B 216 10.32 -9.97 -20.21
N ALA B 217 9.24 -9.21 -20.38
CA ALA B 217 8.90 -8.51 -21.64
C ALA B 217 9.73 -7.22 -21.77
N GLU B 218 10.66 -6.96 -20.85
CA GLU B 218 11.60 -5.81 -20.90
C GLU B 218 13.01 -6.33 -21.25
N GLY B 219 13.23 -7.64 -21.04
CA GLY B 219 14.56 -8.30 -21.10
C GLY B 219 15.52 -7.79 -20.04
N GLU B 220 15.06 -7.58 -18.80
CA GLU B 220 15.90 -6.96 -17.75
C GLU B 220 17.08 -7.91 -17.46
N THR B 221 18.27 -7.34 -17.34
CA THR B 221 19.46 -7.93 -16.67
C THR B 221 19.15 -8.02 -15.18
N ASN B 222 18.38 -7.07 -14.64
CA ASN B 222 18.13 -6.93 -13.19
C ASN B 222 16.69 -7.36 -12.85
N SER B 223 16.40 -8.67 -12.83
CA SER B 223 15.19 -9.30 -12.21
C SER B 223 15.54 -10.61 -11.46
N THR B 224 15.15 -10.72 -10.18
CA THR B 224 15.51 -11.86 -9.29
C THR B 224 15.25 -13.21 -9.96
N PHE B 225 14.09 -13.42 -10.60
CA PHE B 225 13.61 -14.75 -11.03
C PHE B 225 14.03 -15.05 -12.48
N ALA B 226 14.97 -14.27 -13.00
CA ALA B 226 15.80 -14.62 -14.18
C ALA B 226 17.01 -15.45 -13.73
N TYR B 227 17.30 -15.46 -12.43
CA TYR B 227 18.47 -16.16 -11.85
C TYR B 227 17.91 -17.26 -10.96
N MET B 228 17.09 -16.86 -10.00
CA MET B 228 16.30 -17.77 -9.13
C MET B 228 15.31 -18.55 -9.99
N PRO B 229 15.25 -19.88 -9.81
CA PRO B 229 14.22 -20.68 -10.47
C PRO B 229 12.85 -20.02 -10.39
N GLU B 230 12.11 -19.97 -11.51
CA GLU B 230 10.79 -19.30 -11.62
C GLU B 230 9.75 -19.96 -10.68
N ASP B 231 9.90 -21.26 -10.39
CA ASP B 231 8.88 -22.03 -9.65
C ASP B 231 8.83 -21.61 -8.17
N LEU B 232 9.92 -21.02 -7.65
CA LEU B 232 10.02 -20.56 -6.23
C LEU B 232 9.46 -19.15 -6.06
N ARG B 233 9.10 -18.48 -7.16
CA ARG B 233 8.55 -17.09 -7.22
C ARG B 233 7.43 -16.94 -6.17
N ILE B 234 6.45 -17.84 -6.18
CA ILE B 234 5.21 -17.76 -5.35
C ILE B 234 5.59 -18.00 -3.88
N LYS B 235 6.27 -19.11 -3.62
CA LYS B 235 6.79 -19.48 -2.28
C LYS B 235 7.51 -18.26 -1.68
N ALA B 236 8.44 -17.69 -2.44
CA ALA B 236 9.39 -16.65 -1.98
C ALA B 236 8.63 -15.40 -1.57
N TYR B 237 7.66 -14.98 -2.38
CA TYR B 237 6.83 -13.77 -2.12
C TYR B 237 6.16 -14.01 -0.76
N SER B 238 5.48 -15.15 -0.66
CA SER B 238 4.73 -15.65 0.52
C SER B 238 5.59 -15.55 1.80
N GLU B 239 6.80 -16.12 1.73
CA GLU B 239 7.77 -16.31 2.85
C GLU B 239 8.35 -14.96 3.25
N CYS B 240 8.83 -14.18 2.28
CA CYS B 240 9.26 -12.76 2.47
C CYS B 240 8.12 -11.94 3.12
N ARG B 241 6.90 -12.09 2.63
CA ARG B 241 5.70 -11.40 3.18
C ARG B 241 5.48 -11.88 4.60
N GLU B 242 5.76 -13.16 4.85
CA GLU B 242 5.53 -13.75 6.19
C GLU B 242 6.59 -13.20 7.15
N ILE B 243 7.85 -13.15 6.74
CA ILE B 243 8.96 -12.60 7.57
C ILE B 243 8.76 -11.12 7.84
N LEU B 244 8.28 -10.39 6.83
CA LEU B 244 8.04 -8.94 6.98
C LEU B 244 6.90 -8.73 8.02
N TRP B 245 5.90 -9.61 8.08
CA TRP B 245 4.81 -9.57 9.10
C TRP B 245 5.37 -9.88 10.48
N ALA B 246 6.27 -10.87 10.56
CA ALA B 246 6.96 -11.28 11.83
C ALA B 246 7.82 -10.15 12.35
N LEU B 247 8.61 -9.52 11.48
CA LEU B 247 9.47 -8.36 11.83
C LEU B 247 8.58 -7.19 12.32
N ASP B 248 7.48 -6.94 11.61
CA ASP B 248 6.56 -5.83 11.92
C ASP B 248 6.05 -6.01 13.36
N ALA B 249 5.67 -7.25 13.70
CA ALA B 249 5.16 -7.73 15.00
C ALA B 249 6.21 -7.48 16.09
N ALA B 250 7.40 -8.02 15.88
CA ALA B 250 8.57 -7.85 16.78
C ALA B 250 8.79 -6.37 17.10
N TRP B 251 8.64 -5.46 16.11
CA TRP B 251 9.00 -4.03 16.25
C TRP B 251 7.82 -3.18 16.74
N ALA B 252 6.71 -3.83 17.11
CA ALA B 252 5.48 -3.23 17.70
C ALA B 252 5.83 -2.33 18.87
N ARG B 253 5.18 -1.19 18.99
CA ARG B 253 5.36 -0.24 20.12
C ARG B 253 6.60 0.63 19.90
N ASN B 254 7.21 0.54 18.72
CA ASN B 254 8.34 1.40 18.32
C ASN B 254 7.96 2.01 16.98
N PRO B 255 7.14 3.08 17.00
CA PRO B 255 6.58 3.66 15.79
C PRO B 255 7.60 4.02 14.74
N LYS B 256 8.83 4.34 15.14
CA LYS B 256 9.82 4.92 14.19
C LYS B 256 10.33 3.85 13.24
N LEU B 257 10.31 2.58 13.62
CA LEU B 257 10.75 1.48 12.73
C LEU B 257 9.65 1.16 11.70
N VAL B 258 8.43 1.69 11.83
CA VAL B 258 7.37 1.44 10.81
C VAL B 258 7.84 1.96 9.44
N ASN B 259 8.64 3.04 9.45
CA ASN B 259 9.15 3.70 8.23
C ASN B 259 10.03 2.72 7.44
N VAL B 260 10.63 1.74 8.11
CA VAL B 260 11.47 0.71 7.45
C VAL B 260 10.57 -0.33 6.81
N ILE B 261 9.65 -0.86 7.62
CA ILE B 261 8.63 -1.89 7.26
C ILE B 261 7.79 -1.30 6.13
N ASN B 262 7.27 -0.09 6.30
CA ASN B 262 6.39 0.54 5.28
C ASN B 262 7.10 0.60 3.93
N PHE B 263 8.39 0.96 3.89
CA PHE B 263 9.14 0.97 2.61
C PHE B 263 9.05 -0.41 1.97
N LEU B 264 9.34 -1.49 2.70
CA LEU B 264 9.46 -2.82 2.06
C LEU B 264 8.08 -3.28 1.61
N ARG B 265 7.08 -3.04 2.47
CA ARG B 265 5.68 -3.52 2.26
C ARG B 265 5.12 -2.88 0.97
N PHE B 266 5.31 -1.57 0.80
CA PHE B 266 4.68 -0.77 -0.29
C PHE B 266 5.54 -0.83 -1.55
N PHE B 267 6.84 -0.98 -1.40
CA PHE B 267 7.76 -1.21 -2.55
C PHE B 267 7.45 -2.58 -3.16
N GLY B 268 7.17 -3.59 -2.33
CA GLY B 268 7.17 -5.01 -2.74
C GLY B 268 5.88 -5.45 -3.39
N GLY B 269 5.46 -4.77 -4.45
CA GLY B 269 4.29 -5.16 -5.27
C GLY B 269 3.20 -4.10 -5.29
N PRO B 270 2.74 -3.58 -4.12
CA PRO B 270 1.61 -2.67 -4.09
C PRO B 270 1.74 -1.39 -4.94
N ILE B 271 2.95 -0.93 -5.24
CA ILE B 271 3.17 0.22 -6.17
C ILE B 271 2.61 -0.08 -7.58
N HIS B 272 2.62 -1.33 -8.05
CA HIS B 272 2.02 -1.67 -9.36
C HIS B 272 0.53 -1.24 -9.40
N MET B 273 -0.18 -1.25 -8.29
CA MET B 273 -1.59 -0.78 -8.25
C MET B 273 -1.69 0.75 -8.02
N MET B 274 -0.66 1.42 -7.50
CA MET B 274 -0.87 2.78 -6.91
C MET B 274 -0.26 3.87 -7.80
N MET B 275 0.77 3.57 -8.59
CA MET B 275 1.48 4.56 -9.43
C MET B 275 1.05 4.40 -10.90
N ARG B 276 0.94 5.53 -11.62
CA ARG B 276 0.63 5.57 -13.07
C ARG B 276 1.79 5.00 -13.91
N ARG B 277 3.03 4.97 -13.41
CA ARG B 277 4.15 4.29 -14.12
C ARG B 277 3.71 2.89 -14.62
N TYR B 278 2.90 2.19 -13.83
CA TYR B 278 2.49 0.78 -14.05
C TYR B 278 1.12 0.76 -14.75
N ARG B 279 0.62 -0.45 -14.99
CA ARG B 279 -0.42 -0.76 -16.03
C ARG B 279 -1.66 -1.39 -15.37
N PHE B 280 -1.90 -1.17 -14.09
CA PHE B 280 -3.03 -1.82 -13.38
C PHE B 280 -4.36 -1.45 -14.05
N VAL B 281 -4.57 -0.18 -14.39
CA VAL B 281 -5.79 0.30 -15.11
C VAL B 281 -5.83 -0.27 -16.54
N GLU B 282 -4.74 -0.07 -17.27
CA GLU B 282 -4.64 -0.40 -18.71
C GLU B 282 -4.84 -1.91 -18.88
N GLU B 283 -4.60 -2.71 -17.82
CA GLU B 283 -4.76 -4.19 -17.82
C GLU B 283 -6.04 -4.57 -17.05
N ASN B 284 -6.99 -3.65 -16.93
CA ASN B 284 -8.39 -3.88 -16.47
C ASN B 284 -8.39 -4.28 -15.00
N LEU B 285 -7.65 -3.53 -14.19
CA LEU B 285 -7.48 -3.77 -12.74
C LEU B 285 -7.04 -5.22 -12.54
N THR B 286 -5.99 -5.65 -13.24
CA THR B 286 -5.32 -6.96 -13.01
C THR B 286 -3.83 -6.76 -12.79
N ILE B 287 -3.24 -7.63 -11.97
CA ILE B 287 -1.79 -7.93 -11.82
C ILE B 287 -1.58 -9.39 -12.26
N GLY B 288 -0.52 -9.67 -13.02
CA GLY B 288 -0.17 -11.05 -13.46
C GLY B 288 -0.35 -11.30 -14.95
N LYS B 289 -0.56 -10.25 -15.75
CA LYS B 289 -0.45 -10.27 -17.25
C LYS B 289 -1.75 -10.82 -17.84
N ASN B 318 35.78 1.58 -23.51
CA ASN B 318 37.19 1.10 -23.40
C ASN B 318 37.36 0.41 -22.03
N THR B 319 38.44 -0.33 -21.86
CA THR B 319 38.96 -0.82 -20.56
C THR B 319 39.64 0.35 -19.83
N GLN B 320 40.04 1.40 -20.57
CA GLN B 320 40.61 2.64 -19.98
C GLN B 320 39.55 3.25 -19.08
N ARG B 321 38.32 3.42 -19.59
CA ARG B 321 37.17 3.99 -18.84
C ARG B 321 36.96 3.14 -17.58
N TYR B 322 36.76 1.83 -17.73
CA TYR B 322 36.53 0.89 -16.61
C TYR B 322 37.58 1.06 -15.50
N LYS B 323 38.85 1.22 -15.86
CA LYS B 323 39.96 1.26 -14.87
C LYS B 323 40.02 2.65 -14.23
N ALA B 324 39.66 3.70 -14.98
CA ALA B 324 39.55 5.09 -14.49
C ALA B 324 38.53 5.16 -13.34
N LEU B 325 37.37 4.51 -13.53
CA LEU B 325 36.20 4.51 -12.60
C LEU B 325 36.51 3.68 -11.34
N ILE B 326 37.13 2.50 -11.51
CA ILE B 326 37.65 1.68 -10.37
C ILE B 326 38.58 2.57 -9.55
N GLY B 327 39.39 3.39 -10.23
CA GLY B 327 40.32 4.34 -9.60
C GLY B 327 39.57 5.40 -8.79
N ARG B 328 38.32 5.68 -9.17
CA ARG B 328 37.41 6.64 -8.47
C ARG B 328 36.41 5.87 -7.58
N SER B 329 36.80 4.70 -7.06
CA SER B 329 35.90 3.79 -6.30
C SER B 329 35.33 4.51 -5.06
N GLU B 330 36.19 5.13 -4.22
CA GLU B 330 35.76 5.78 -2.95
C GLU B 330 34.63 6.80 -3.22
N GLU B 331 34.50 7.29 -4.46
CA GLU B 331 33.55 8.37 -4.86
C GLU B 331 32.32 7.79 -5.58
N LEU B 332 32.50 6.80 -6.46
CA LEU B 332 31.49 6.46 -7.50
C LEU B 332 30.79 5.12 -7.22
N MET B 333 31.36 4.30 -6.34
CA MET B 333 30.94 2.89 -6.21
C MET B 333 30.69 2.53 -4.75
N PHE B 334 29.69 1.71 -4.48
CA PHE B 334 29.38 1.32 -3.07
C PHE B 334 30.54 0.50 -2.56
N PRO B 335 30.80 0.55 -1.24
CA PRO B 335 31.84 -0.26 -0.63
C PRO B 335 31.75 -1.72 -1.12
N GLY B 336 32.81 -2.20 -1.76
CA GLY B 336 32.91 -3.61 -2.21
C GLY B 336 32.58 -3.80 -3.69
N LEU B 337 31.90 -2.85 -4.33
CA LEU B 337 31.51 -3.06 -5.75
C LEU B 337 32.78 -3.32 -6.56
N ALA B 338 33.83 -2.51 -6.37
CA ALA B 338 35.08 -2.57 -7.16
C ALA B 338 35.56 -4.01 -7.20
N GLU B 339 35.60 -4.63 -6.01
CA GLU B 339 36.03 -6.02 -5.79
C GLU B 339 35.14 -6.95 -6.61
N PHE B 340 33.81 -6.86 -6.44
CA PHE B 340 32.76 -7.65 -7.15
C PHE B 340 33.03 -7.62 -8.67
N LEU B 341 33.35 -6.43 -9.18
CA LEU B 341 33.70 -6.17 -10.60
C LEU B 341 35.05 -6.82 -10.92
N GLU B 342 36.06 -6.61 -10.06
CA GLU B 342 37.43 -7.14 -10.29
C GLU B 342 37.39 -8.68 -10.35
N VAL B 343 36.75 -9.32 -9.37
CA VAL B 343 36.73 -10.80 -9.15
C VAL B 343 35.65 -11.47 -10.02
N GLY B 344 34.47 -10.83 -10.15
CA GLY B 344 33.29 -11.36 -10.85
C GLY B 344 33.31 -11.08 -12.34
N GLY B 345 33.99 -9.99 -12.75
CA GLY B 345 33.94 -9.37 -14.09
C GLY B 345 34.04 -10.36 -15.24
N ASP B 346 34.98 -11.32 -15.16
CA ASP B 346 35.22 -12.27 -16.27
C ASP B 346 34.56 -13.61 -15.95
N GLY B 347 33.51 -13.62 -15.12
CA GLY B 347 32.76 -14.83 -14.73
C GLY B 347 33.53 -15.63 -13.69
N VAL B 348 32.84 -16.49 -12.94
CA VAL B 348 33.43 -17.24 -11.79
C VAL B 348 33.31 -18.75 -12.01
N CYS B 349 32.55 -19.20 -13.00
CA CYS B 349 32.13 -20.62 -13.12
C CYS B 349 32.45 -21.10 -14.55
N ASP B 350 33.17 -22.21 -14.65
CA ASP B 350 33.52 -22.85 -15.95
C ASP B 350 32.24 -23.17 -16.74
N LYS B 351 31.16 -23.55 -16.06
CA LYS B 351 29.93 -24.11 -16.70
C LYS B 351 28.94 -22.97 -17.05
N CYS B 352 28.82 -21.94 -16.22
CA CYS B 352 27.91 -20.77 -16.44
C CYS B 352 28.24 -20.11 -17.78
N ARG B 353 27.22 -19.62 -18.49
CA ARG B 353 27.37 -18.95 -19.82
C ARG B 353 27.28 -17.44 -19.66
N TYR B 354 28.43 -16.77 -19.91
CA TYR B 354 28.68 -15.31 -19.87
C TYR B 354 28.85 -14.78 -21.29
N ARG B 355 28.82 -13.45 -21.48
CA ARG B 355 28.81 -12.81 -22.83
C ARG B 355 29.52 -11.44 -22.79
N GLY B 368 21.27 -10.58 -19.48
CA GLY B 368 21.75 -11.17 -18.21
C GLY B 368 22.36 -12.56 -18.41
N VAL B 369 23.40 -12.88 -17.64
CA VAL B 369 24.07 -14.21 -17.65
C VAL B 369 23.03 -15.32 -17.50
N GLU B 370 23.29 -16.50 -18.11
CA GLU B 370 22.45 -17.72 -17.98
C GLU B 370 23.22 -18.75 -17.13
N LEU B 371 22.70 -19.12 -15.94
CA LEU B 371 23.39 -19.98 -14.93
C LEU B 371 23.33 -21.46 -15.33
N CYS B 372 24.39 -22.21 -15.00
CA CYS B 372 24.45 -23.70 -15.10
C CYS B 372 23.55 -24.35 -14.04
N SER B 373 23.41 -25.67 -14.13
CA SER B 373 22.59 -26.54 -13.24
C SER B 373 23.13 -26.53 -11.82
N GLU B 374 24.46 -26.63 -11.65
CA GLU B 374 25.11 -26.64 -10.31
C GLU B 374 24.74 -25.33 -9.60
N CYS B 375 25.09 -24.19 -10.23
CA CYS B 375 24.86 -22.82 -9.69
C CYS B 375 23.38 -22.63 -9.38
N LYS B 376 22.50 -22.86 -10.36
CA LYS B 376 21.03 -22.69 -10.20
C LYS B 376 20.58 -23.35 -8.88
N LEU B 377 21.11 -24.53 -8.52
CA LEU B 377 20.72 -25.27 -7.28
C LEU B 377 21.29 -24.53 -6.04
N SER B 378 22.50 -23.98 -6.12
CA SER B 378 23.16 -23.24 -5.01
C SER B 378 22.33 -22.00 -4.66
N TRP B 379 21.83 -21.31 -5.69
CA TRP B 379 20.91 -20.14 -5.55
C TRP B 379 19.60 -20.63 -4.91
N ARG B 380 19.06 -21.75 -5.41
CA ARG B 380 17.86 -22.41 -4.85
C ARG B 380 18.07 -22.56 -3.34
N GLN B 381 19.15 -23.21 -2.92
CA GLN B 381 19.40 -23.52 -1.49
C GLN B 381 19.53 -22.20 -0.71
N TYR B 382 20.09 -21.15 -1.33
CA TYR B 382 20.20 -19.79 -0.74
C TYR B 382 18.81 -19.17 -0.54
N LEU B 383 17.88 -19.27 -1.49
CA LEU B 383 16.49 -18.79 -1.26
C LEU B 383 15.83 -19.60 -0.13
N GLU B 384 15.88 -20.94 -0.21
CA GLU B 384 15.20 -21.91 0.70
C GLU B 384 15.67 -21.66 2.13
N CYS B 385 16.83 -21.02 2.27
CA CYS B 385 17.63 -20.75 3.48
C CYS B 385 17.18 -19.46 4.19
N PHE B 386 16.28 -18.71 3.57
CA PHE B 386 16.01 -17.27 3.86
C PHE B 386 15.65 -17.04 5.35
N VAL B 387 14.63 -17.74 5.82
CA VAL B 387 14.14 -17.63 7.23
C VAL B 387 15.35 -17.72 8.19
N GLU B 388 16.24 -18.70 7.98
CA GLU B 388 17.41 -18.95 8.86
C GLU B 388 18.27 -17.69 8.87
N ARG B 389 18.55 -17.16 7.68
CA ARG B 389 19.47 -16.01 7.43
C ARG B 389 18.89 -14.74 8.04
N ALA B 390 17.58 -14.51 7.88
CA ALA B 390 16.85 -13.38 8.51
C ALA B 390 16.94 -13.49 10.04
N ALA B 391 16.60 -14.65 10.60
CA ALA B 391 16.61 -14.91 12.07
C ALA B 391 18.04 -14.75 12.61
N ASP B 392 19.04 -15.28 11.89
CA ASP B 392 20.48 -15.10 12.22
C ASP B 392 20.75 -13.60 12.41
N VAL B 393 20.25 -12.78 11.49
CA VAL B 393 20.59 -11.34 11.38
C VAL B 393 19.71 -10.51 12.34
N PHE B 394 18.50 -11.00 12.63
CA PHE B 394 17.49 -10.30 13.46
C PHE B 394 16.96 -11.30 14.48
N PRO B 395 17.59 -11.37 15.69
CA PRO B 395 17.19 -12.35 16.70
C PRO B 395 15.67 -12.32 16.96
N GLU B 396 15.08 -11.13 16.87
CA GLU B 396 13.66 -10.80 17.13
C GLU B 396 12.72 -11.77 16.39
N LEU B 397 13.16 -12.48 15.36
CA LEU B 397 12.29 -13.39 14.56
C LEU B 397 12.14 -14.78 15.21
N LYS B 398 13.14 -15.20 16.00
CA LYS B 398 13.22 -16.57 16.58
C LYS B 398 12.07 -16.75 17.56
N THR B 399 11.96 -15.82 18.50
CA THR B 399 10.92 -15.70 19.56
C THR B 399 9.54 -15.56 18.88
#